data_8A4V
#
_entry.id   8A4V
#
_cell.length_a   57.350
_cell.length_b   62.750
_cell.length_c   68.350
_cell.angle_alpha   105.625
_cell.angle_beta   93.316
_cell.angle_gamma   115.454
#
_symmetry.space_group_name_H-M   'P 1'
#
loop_
_entity.id
_entity.type
_entity.pdbx_description
1 polymer 'Cathepsin L'
2 non-polymer N-[N-[1-HYDROXYCARBOXYETHYL-CARBONYL]LEUCYLAMINO-BUTYL]-GUANIDINE
3 non-polymer DI(HYDROXYETHYL)ETHER
4 non-polymer 'DIMETHYL SULFOXIDE'
5 non-polymer 'TRIETHYLENE GLYCOL'
6 water water
#
_entity_poly.entity_id   1
_entity_poly.type   'polypeptide(L)'
_entity_poly.pdbx_seq_one_letter_code
;APRSVDWREKGYVTPVKNQGQCGSCWAFSATGALEGQMFRKTGRLISLSEQNLVDCSGPQGNEGCNGGLMDYAFQYVQDN
GGLDSEESYPYEATEESCKYNPKYSVANDAGFVDIPKQEKALMKAVATVGPISVAIDAGHESFLFYKEGIYFEPDCSSED
MDHGVLVVGYGFESTESDNNKYWLVKNSWGEEWGMGGYVKMAKDRRNHCGIASAASYPTV
;
_entity_poly.pdbx_strand_id   A,B,C,D
#
loop_
_chem_comp.id
_chem_comp.type
_chem_comp.name
_chem_comp.formula
DMS non-polymer 'DIMETHYL SULFOXIDE' 'C2 H6 O S'
E64 non-polymer N-[N-[1-HYDROXYCARBOXYETHYL-CARBONYL]LEUCYLAMINO-BUTYL]-GUANIDINE 'C15 H30 N5 O5 1'
PEG non-polymer DI(HYDROXYETHYL)ETHER 'C4 H10 O3'
PGE non-polymer 'TRIETHYLENE GLYCOL' 'C6 H14 O4'
#
# COMPACT_ATOMS: atom_id res chain seq x y z
N ALA A 1 19.17 11.75 0.61
CA ALA A 1 18.07 11.68 1.60
C ALA A 1 17.45 10.28 1.60
N PRO A 2 16.67 9.97 2.62
CA PRO A 2 15.95 8.70 2.63
C PRO A 2 14.95 8.62 1.48
N ARG A 3 14.66 7.40 1.05
CA ARG A 3 13.65 7.21 0.01
C ARG A 3 12.25 7.30 0.56
N SER A 4 12.07 7.09 1.86
CA SER A 4 10.76 7.13 2.50
C SER A 4 10.90 7.75 3.88
N VAL A 5 9.93 8.59 4.26
CA VAL A 5 9.86 9.27 5.55
C VAL A 5 8.40 9.31 5.97
N ASP A 6 8.13 9.10 7.26
CA ASP A 6 6.76 9.23 7.78
C ASP A 6 6.82 9.68 9.25
N TRP A 7 6.54 10.95 9.48
CA TRP A 7 6.69 11.50 10.81
C TRP A 7 5.59 11.05 11.76
N ARG A 8 4.48 10.53 11.24
CA ARG A 8 3.43 10.00 12.11
C ARG A 8 3.97 8.86 12.98
N GLU A 9 4.87 8.05 12.43
CA GLU A 9 5.44 6.94 13.19
C GLU A 9 6.35 7.42 14.31
N LYS A 10 6.81 8.67 14.24
CA LYS A 10 7.70 9.21 15.27
C LYS A 10 6.98 10.09 16.27
N GLY A 11 5.66 10.20 16.18
CA GLY A 11 4.88 10.94 17.16
C GLY A 11 4.76 12.42 16.92
N TYR A 12 4.99 12.89 15.71
CA TYR A 12 5.01 14.32 15.44
C TYR A 12 3.66 14.90 15.06
N VAL A 13 2.63 14.05 14.86
CA VAL A 13 1.44 14.45 14.12
C VAL A 13 0.19 14.10 14.90
N THR A 14 -0.68 15.10 15.10
CA THR A 14 -1.95 14.89 15.74
C THR A 14 -2.93 14.25 14.77
N PRO A 15 -4.08 13.79 15.26
CA PRO A 15 -5.10 13.25 14.34
C PRO A 15 -5.60 14.30 13.36
N VAL A 16 -6.23 13.79 12.30
CA VAL A 16 -6.82 14.64 11.28
C VAL A 16 -7.98 15.44 11.86
N LYS A 17 -8.02 16.72 11.53
CA LYS A 17 -9.03 17.65 11.99
C LYS A 17 -9.92 18.05 10.81
N ASN A 18 -10.95 18.85 11.09
CA ASN A 18 -11.92 19.27 10.07
C ASN A 18 -12.18 20.76 10.18
N GLN A 19 -11.77 21.52 9.17
CA GLN A 19 -11.97 22.96 9.16
C GLN A 19 -13.40 23.37 8.90
N GLY A 20 -14.30 22.43 8.57
CA GLY A 20 -15.66 22.83 8.27
C GLY A 20 -15.76 23.69 7.03
N GLN A 21 -16.74 24.59 7.02
CA GLN A 21 -17.03 25.45 5.89
C GLN A 21 -16.41 26.84 6.04
N CYS A 22 -15.27 26.91 6.70
CA CYS A 22 -14.51 28.13 6.92
C CYS A 22 -13.23 28.00 6.12
N GLY A 23 -12.85 29.06 5.41
CA GLY A 23 -11.60 29.05 4.66
C GLY A 23 -10.37 29.24 5.52
N SER A 24 -10.17 28.32 6.45
CA SER A 24 -9.11 28.44 7.46
C SER A 24 -8.01 27.40 7.29
N CYS A 25 -7.86 26.86 6.08
CA CYS A 25 -6.84 25.83 5.85
C CYS A 25 -5.45 26.26 6.31
N TRP A 26 -5.11 27.54 6.12
CA TRP A 26 -3.80 28.07 6.52
C TRP A 26 -3.54 27.89 8.00
N ALA A 27 -4.58 27.96 8.81
CA ALA A 27 -4.42 27.81 10.25
C ALA A 27 -4.21 26.36 10.64
N PHE A 28 -4.83 25.42 9.93
CA PHE A 28 -4.63 24.00 10.20
C PHE A 28 -3.26 23.54 9.74
N SER A 29 -2.78 24.07 8.63
CA SER A 29 -1.44 23.78 8.15
C SER A 29 -0.42 24.31 9.13
N ALA A 30 -0.63 25.56 9.62
CA ALA A 30 0.30 26.16 10.57
C ALA A 30 0.32 25.40 11.91
N THR A 31 -0.86 25.10 12.46
CA THR A 31 -0.86 24.34 13.71
C THR A 31 -0.23 22.96 13.54
N GLY A 32 -0.40 22.33 12.39
CA GLY A 32 0.27 21.05 12.16
C GLY A 32 1.79 21.16 12.20
N ALA A 33 2.36 22.15 11.50
CA ALA A 33 3.81 22.31 11.50
C ALA A 33 4.32 22.69 12.87
N LEU A 34 3.59 23.55 13.59
CA LEU A 34 4.05 23.94 14.92
C LEU A 34 3.88 22.82 15.94
N GLU A 35 2.83 22.00 15.80
CA GLU A 35 2.71 20.81 16.64
C GLU A 35 3.93 19.90 16.49
N GLY A 36 4.39 19.74 15.24
CA GLY A 36 5.56 18.95 14.99
C GLY A 36 6.82 19.50 15.64
N GLN A 37 7.08 20.79 15.46
CA GLN A 37 8.30 21.38 16.01
C GLN A 37 8.26 21.50 17.53
N MET A 38 7.07 21.70 18.11
CA MET A 38 6.98 21.67 19.56
C MET A 38 7.29 20.26 20.09
N PHE A 39 6.79 19.22 19.41
CA PHE A 39 7.08 17.87 19.85
C PHE A 39 8.56 17.59 19.75
N ARG A 40 9.19 18.06 18.67
CA ARG A 40 10.62 17.91 18.50
C ARG A 40 11.37 18.54 19.66
N LYS A 41 10.88 19.68 20.16
CA LYS A 41 11.59 20.36 21.24
C LYS A 41 11.30 19.74 22.60
N THR A 42 10.03 19.45 22.89
CA THR A 42 9.64 19.09 24.26
C THR A 42 9.35 17.62 24.45
N GLY A 43 9.18 16.86 23.39
CA GLY A 43 8.77 15.49 23.52
C GLY A 43 7.29 15.32 23.79
N ARG A 44 6.51 16.39 23.71
CA ARG A 44 5.10 16.36 24.05
C ARG A 44 4.27 16.86 22.88
N LEU A 45 3.31 16.04 22.45
CA LEU A 45 2.44 16.36 21.33
C LEU A 45 1.15 16.96 21.90
N ILE A 46 0.90 18.22 21.60
CA ILE A 46 -0.28 18.94 22.08
C ILE A 46 -0.98 19.57 20.89
N SER A 47 -2.27 19.24 20.72
CA SER A 47 -3.05 19.84 19.65
C SER A 47 -3.27 21.33 19.95
N LEU A 48 -3.03 22.16 18.94
CA LEU A 48 -3.03 23.60 19.06
C LEU A 48 -4.27 24.21 18.44
N SER A 49 -4.56 25.46 18.83
CA SER A 49 -5.85 26.09 18.55
C SER A 49 -5.83 26.84 17.22
N GLU A 50 -6.52 26.27 16.23
CA GLU A 50 -6.73 26.99 14.99
C GLU A 50 -7.60 28.22 15.19
N GLN A 51 -8.54 28.16 16.12
CA GLN A 51 -9.43 29.29 16.35
C GLN A 51 -8.65 30.48 16.86
N ASN A 52 -7.66 30.24 17.71
CA ASN A 52 -6.76 31.28 18.17
C ASN A 52 -6.17 32.02 16.97
N LEU A 53 -5.73 31.30 15.96
CA LEU A 53 -5.16 31.98 14.80
C LEU A 53 -6.20 32.71 13.99
N VAL A 54 -7.35 32.08 13.72
CA VAL A 54 -8.41 32.69 12.92
C VAL A 54 -8.85 34.00 13.55
N ASP A 55 -9.01 34.03 14.87
CA ASP A 55 -9.55 35.17 15.57
C ASP A 55 -8.53 36.30 15.80
N CYS A 56 -7.25 35.98 15.88
N CYS A 56 -7.24 36.00 15.87
CA CYS A 56 -6.27 36.89 16.44
CA CYS A 56 -6.28 36.93 16.42
C CYS A 56 -5.13 37.31 15.52
C CYS A 56 -5.12 37.33 15.50
N SER A 57 -4.90 36.63 14.39
CA SER A 57 -3.71 36.89 13.58
C SER A 57 -3.97 37.84 12.40
N GLY A 58 -5.07 38.59 12.45
CA GLY A 58 -5.30 39.64 11.47
C GLY A 58 -4.19 40.66 11.31
N PRO A 59 -3.59 41.15 12.40
CA PRO A 59 -2.56 42.18 12.24
C PRO A 59 -1.30 41.68 11.53
N GLN A 60 -1.07 40.38 11.52
CA GLN A 60 0.03 39.80 10.76
C GLN A 60 -0.31 39.60 9.29
N GLY A 61 -1.55 39.82 8.90
CA GLY A 61 -1.95 39.73 7.50
C GLY A 61 -3.00 38.69 7.20
N ASN A 62 -3.45 37.89 8.17
CA ASN A 62 -4.46 36.89 7.92
C ASN A 62 -5.86 37.51 7.94
N GLU A 63 -6.80 36.80 7.31
CA GLU A 63 -8.18 37.26 7.18
C GLU A 63 -9.17 36.16 7.57
N GLY A 64 -8.87 35.45 8.64
CA GLY A 64 -9.87 34.57 9.24
C GLY A 64 -10.34 33.49 8.28
N CYS A 65 -11.67 33.36 8.15
CA CYS A 65 -12.28 32.40 7.25
C CYS A 65 -12.17 32.83 5.80
N ASN A 66 -11.68 34.03 5.54
CA ASN A 66 -11.52 34.50 4.17
C ASN A 66 -10.12 34.21 3.62
N GLY A 67 -9.27 33.55 4.38
CA GLY A 67 -7.96 33.16 3.89
C GLY A 67 -6.85 33.70 4.77
N GLY A 68 -5.65 33.21 4.49
CA GLY A 68 -4.50 33.50 5.33
C GLY A 68 -3.28 32.80 4.80
N LEU A 69 -2.18 32.92 5.53
CA LEU A 69 -0.93 32.30 5.16
C LEU A 69 -0.28 31.71 6.40
N MET A 70 0.34 30.55 6.23
CA MET A 70 0.99 29.88 7.36
C MET A 70 2.12 30.75 7.94
N ASP A 71 2.90 31.40 7.09
CA ASP A 71 3.97 32.27 7.61
C ASP A 71 3.41 33.40 8.48
N TYR A 72 2.26 33.95 8.10
CA TYR A 72 1.65 35.00 8.92
C TYR A 72 1.22 34.44 10.26
N ALA A 73 0.75 33.19 10.27
CA ALA A 73 0.43 32.51 11.53
C ALA A 73 1.68 32.33 12.38
N PHE A 74 2.78 31.91 11.78
CA PHE A 74 4.00 31.73 12.56
C PHE A 74 4.45 33.06 13.16
N GLN A 75 4.29 34.14 12.41
CA GLN A 75 4.66 35.47 12.92
C GLN A 75 3.77 35.88 14.09
N TYR A 76 2.48 35.60 13.98
CA TYR A 76 1.57 35.90 15.09
C TYR A 76 2.05 35.21 16.37
N VAL A 77 2.39 33.91 16.29
CA VAL A 77 2.77 33.20 17.50
C VAL A 77 4.00 33.86 18.11
N GLN A 78 4.95 34.28 17.27
CA GLN A 78 6.13 34.95 17.80
C GLN A 78 5.78 36.31 18.38
N ASP A 79 5.07 37.14 17.60
CA ASP A 79 4.69 38.48 18.05
C ASP A 79 3.86 38.43 19.32
N ASN A 80 2.95 37.46 19.41
CA ASN A 80 2.00 37.36 20.49
C ASN A 80 2.61 36.73 21.72
N GLY A 81 3.72 36.01 21.56
CA GLY A 81 4.33 35.31 22.66
C GLY A 81 3.65 34.06 23.12
N GLY A 82 2.86 33.42 22.26
CA GLY A 82 2.22 32.18 22.64
C GLY A 82 1.05 31.85 21.74
N LEU A 83 0.52 30.65 21.97
CA LEU A 83 -0.65 30.13 21.25
C LEU A 83 -1.35 29.13 22.16
N ASP A 84 -2.66 29.24 22.29
CA ASP A 84 -3.41 28.37 23.18
C ASP A 84 -3.64 27.00 22.57
N SER A 85 -3.92 26.04 23.46
CA SER A 85 -4.19 24.67 23.03
C SER A 85 -5.59 24.56 22.46
N GLU A 86 -5.77 23.53 21.63
CA GLU A 86 -7.07 23.21 21.08
C GLU A 86 -8.10 23.00 22.18
N GLU A 87 -7.73 22.26 23.24
N GLU A 87 -7.72 22.28 23.25
CA GLU A 87 -8.68 21.98 24.32
CA GLU A 87 -8.66 21.98 24.32
C GLU A 87 -9.15 23.27 24.97
C GLU A 87 -9.13 23.25 25.02
N SER A 88 -8.25 24.24 25.14
CA SER A 88 -8.59 25.47 25.84
C SER A 88 -9.28 26.51 24.97
N TYR A 89 -9.12 26.42 23.65
CA TYR A 89 -9.60 27.43 22.72
C TYR A 89 -10.12 26.66 21.52
N PRO A 90 -11.28 26.02 21.65
CA PRO A 90 -11.72 25.04 20.63
C PRO A 90 -12.21 25.70 19.34
N TYR A 91 -12.23 24.88 18.29
CA TYR A 91 -12.51 25.37 16.96
C TYR A 91 -14.00 25.50 16.73
N GLU A 92 -14.43 26.66 16.23
CA GLU A 92 -15.83 26.92 15.99
C GLU A 92 -16.17 27.16 14.53
N ALA A 93 -15.16 27.22 13.66
CA ALA A 93 -15.36 27.34 12.21
C ALA A 93 -16.06 28.65 11.84
N THR A 94 -15.83 29.70 12.59
CA THR A 94 -16.34 31.02 12.28
C THR A 94 -15.43 32.02 12.98
N GLU A 95 -15.24 33.18 12.36
CA GLU A 95 -14.34 34.18 12.91
C GLU A 95 -15.06 34.98 14.00
N GLU A 96 -14.45 35.06 15.17
CA GLU A 96 -14.97 35.86 16.27
C GLU A 96 -13.83 36.70 16.84
N SER A 97 -14.14 37.52 17.84
CA SER A 97 -13.09 38.34 18.41
C SER A 97 -12.06 37.49 19.14
N CYS A 98 -10.86 38.04 19.28
N CYS A 98 -10.86 38.05 19.28
CA CYS A 98 -9.76 37.32 19.88
CA CYS A 98 -9.76 37.34 19.89
C CYS A 98 -10.00 37.05 21.35
C CYS A 98 -10.06 37.04 21.35
N LYS A 99 -9.80 35.80 21.76
CA LYS A 99 -9.97 35.39 23.15
C LYS A 99 -8.69 34.78 23.73
N TYR A 100 -7.55 35.00 23.08
CA TYR A 100 -6.29 34.47 23.56
C TYR A 100 -6.06 34.75 25.03
N ASN A 101 -5.59 33.73 25.74
CA ASN A 101 -5.27 33.84 27.17
C ASN A 101 -3.87 33.27 27.36
N PRO A 102 -2.89 34.08 27.79
CA PRO A 102 -1.52 33.56 27.87
C PRO A 102 -1.36 32.44 28.88
N LYS A 103 -2.23 32.39 29.90
CA LYS A 103 -2.11 31.33 30.90
C LYS A 103 -2.26 29.95 30.27
N TYR A 104 -3.02 29.85 29.18
CA TYR A 104 -3.26 28.57 28.52
C TYR A 104 -2.39 28.38 27.29
N SER A 105 -1.40 29.24 27.10
CA SER A 105 -0.47 29.04 26.00
C SER A 105 0.36 27.78 26.19
N VAL A 106 0.52 27.01 25.11
CA VAL A 106 1.30 25.78 25.15
C VAL A 106 2.33 25.72 24.05
N ALA A 107 2.42 26.74 23.20
CA ALA A 107 3.39 26.74 22.13
C ALA A 107 3.98 28.13 21.94
N ASN A 108 5.16 28.17 21.34
CA ASN A 108 5.85 29.40 21.00
C ASN A 108 6.67 29.14 19.74
N ASP A 109 7.07 30.19 19.05
CA ASP A 109 8.11 30.05 18.04
C ASP A 109 8.85 31.37 17.92
N ALA A 110 10.01 31.32 17.26
CA ALA A 110 10.91 32.45 17.12
C ALA A 110 11.12 32.80 15.65
N GLY A 111 10.06 32.65 14.87
CA GLY A 111 10.13 32.93 13.45
C GLY A 111 9.81 31.70 12.62
N PHE A 112 10.28 31.69 11.38
CA PHE A 112 9.98 30.63 10.47
C PHE A 112 11.04 30.60 9.40
N VAL A 113 11.03 29.55 8.60
CA VAL A 113 11.96 29.34 7.51
C VAL A 113 11.16 29.03 6.26
N ASP A 114 11.40 29.79 5.19
CA ASP A 114 10.83 29.49 3.89
C ASP A 114 11.82 28.61 3.12
N ILE A 115 11.31 27.52 2.55
CA ILE A 115 12.13 26.58 1.80
C ILE A 115 12.21 27.04 0.35
N PRO A 116 13.37 26.89 -0.30
CA PRO A 116 13.46 27.23 -1.73
C PRO A 116 12.44 26.47 -2.54
N LYS A 117 12.07 27.05 -3.68
CA LYS A 117 10.94 26.59 -4.48
C LYS A 117 11.35 25.42 -5.40
N GLN A 118 11.84 24.35 -4.77
CA GLN A 118 12.25 23.15 -5.48
C GLN A 118 11.87 21.92 -4.67
N GLU A 119 11.37 20.89 -5.36
CA GLU A 119 11.01 19.66 -4.68
C GLU A 119 12.21 19.00 -4.01
N LYS A 120 13.40 19.17 -4.56
CA LYS A 120 14.58 18.62 -3.90
C LYS A 120 14.81 19.29 -2.54
N ALA A 121 14.59 20.60 -2.46
CA ALA A 121 14.73 21.29 -1.18
C ALA A 121 13.62 20.90 -0.21
N LEU A 122 12.39 20.79 -0.69
CA LEU A 122 11.31 20.32 0.16
C LEU A 122 11.64 18.93 0.72
N MET A 123 12.19 18.05 -0.10
CA MET A 123 12.50 16.71 0.39
C MET A 123 13.50 16.76 1.54
N LYS A 124 14.56 17.55 1.38
CA LYS A 124 15.56 17.66 2.45
C LYS A 124 14.94 18.21 3.73
N ALA A 125 14.04 19.19 3.61
CA ALA A 125 13.40 19.75 4.79
C ALA A 125 12.52 18.71 5.49
N VAL A 126 11.67 18.02 4.73
CA VAL A 126 10.87 16.95 5.32
C VAL A 126 11.76 15.91 6.00
N ALA A 127 12.86 15.51 5.35
CA ALA A 127 13.68 14.44 5.91
C ALA A 127 14.32 14.84 7.23
N THR A 128 14.62 16.12 7.42
CA THR A 128 15.49 16.52 8.53
C THR A 128 14.79 17.38 9.57
N VAL A 129 13.67 18.00 9.23
CA VAL A 129 13.02 18.97 10.13
C VAL A 129 11.79 18.38 10.79
N GLY A 130 10.94 17.74 10.01
CA GLY A 130 9.64 17.34 10.48
C GLY A 130 8.57 17.73 9.47
N PRO A 131 7.32 17.68 9.89
CA PRO A 131 6.23 18.05 8.98
C PRO A 131 6.37 19.50 8.53
N ILE A 132 6.05 19.75 7.27
CA ILE A 132 6.27 21.02 6.60
C ILE A 132 4.93 21.56 6.09
N SER A 133 4.66 22.83 6.38
CA SER A 133 3.50 23.54 5.84
C SER A 133 3.69 23.80 4.36
N VAL A 134 2.67 23.52 3.54
CA VAL A 134 2.78 23.75 2.11
C VAL A 134 1.44 24.21 1.56
N ALA A 135 1.50 24.85 0.40
CA ALA A 135 0.32 25.32 -0.31
C ALA A 135 0.19 24.53 -1.61
N ILE A 136 -1.03 24.09 -1.92
CA ILE A 136 -1.26 23.33 -3.15
C ILE A 136 -2.49 23.86 -3.88
N ASP A 137 -2.58 23.53 -5.16
CA ASP A 137 -3.77 23.79 -5.96
C ASP A 137 -4.73 22.60 -5.77
N ALA A 138 -5.75 22.80 -4.95
CA ALA A 138 -6.73 21.77 -4.65
C ALA A 138 -8.08 22.01 -5.29
N GLY A 139 -8.17 22.92 -6.25
CA GLY A 139 -9.45 23.27 -6.86
C GLY A 139 -9.86 22.41 -8.03
N HIS A 140 -10.02 21.10 -7.82
CA HIS A 140 -10.44 20.20 -8.89
C HIS A 140 -11.29 19.10 -8.28
N GLU A 141 -12.32 18.69 -9.04
CA GLU A 141 -13.23 17.68 -8.53
C GLU A 141 -12.48 16.42 -8.17
N SER A 142 -11.43 16.09 -8.94
CA SER A 142 -10.64 14.91 -8.65
C SER A 142 -10.04 14.96 -7.26
N PHE A 143 -9.79 16.16 -6.73
CA PHE A 143 -9.26 16.25 -5.36
C PHE A 143 -10.35 15.98 -4.34
N LEU A 144 -11.58 16.37 -4.64
CA LEU A 144 -12.69 16.14 -3.73
C LEU A 144 -13.00 14.64 -3.59
N PHE A 145 -12.90 13.89 -4.69
CA PHE A 145 -13.31 12.50 -4.73
C PHE A 145 -12.16 11.54 -4.50
N TYR A 146 -10.96 12.05 -4.25
CA TYR A 146 -9.80 11.20 -4.06
C TYR A 146 -10.06 10.17 -2.97
N LYS A 147 -9.77 8.90 -3.27
CA LYS A 147 -9.90 7.83 -2.30
C LYS A 147 -8.59 7.14 -1.98
N GLU A 148 -7.74 6.90 -2.96
CA GLU A 148 -6.49 6.20 -2.68
C GLU A 148 -5.55 6.40 -3.87
N GLY A 149 -4.34 5.88 -3.72
CA GLY A 149 -3.34 5.99 -4.76
C GLY A 149 -2.67 7.36 -4.79
N ILE A 150 -1.88 7.55 -5.83
CA ILE A 150 -1.11 8.77 -6.00
C ILE A 150 -1.96 9.75 -6.80
N TYR A 151 -2.26 10.89 -6.19
CA TYR A 151 -3.06 11.92 -6.82
C TYR A 151 -2.28 12.66 -7.90
N PHE A 152 -2.78 12.63 -9.12
CA PHE A 152 -2.20 13.40 -10.20
C PHE A 152 -3.32 13.99 -11.05
N GLU A 153 -3.26 15.30 -11.23
CA GLU A 153 -4.29 16.05 -11.93
C GLU A 153 -3.63 16.83 -13.06
N PRO A 154 -3.83 16.46 -14.33
CA PRO A 154 -3.09 17.12 -15.41
C PRO A 154 -3.35 18.61 -15.51
N ASP A 155 -4.44 19.10 -14.93
CA ASP A 155 -4.79 20.51 -15.01
C ASP A 155 -4.39 21.27 -13.76
N CYS A 156 -3.65 20.64 -12.85
CA CYS A 156 -3.17 21.32 -11.66
C CYS A 156 -2.17 22.40 -12.03
N SER A 157 -2.24 23.52 -11.32
CA SER A 157 -1.31 24.64 -11.49
C SER A 157 -0.19 24.57 -10.45
N SER A 158 1.01 24.95 -10.87
CA SER A 158 2.17 25.03 -9.99
C SER A 158 2.40 26.44 -9.47
N GLU A 159 1.47 27.37 -9.72
CA GLU A 159 1.68 28.76 -9.37
C GLU A 159 0.44 29.35 -8.68
N ASP A 160 -0.73 28.80 -8.98
CA ASP A 160 -1.98 29.27 -8.38
C ASP A 160 -2.43 28.25 -7.34
N MET A 161 -1.94 28.42 -6.11
CA MET A 161 -2.28 27.55 -5.01
C MET A 161 -3.40 28.19 -4.20
N ASP A 162 -4.27 27.35 -3.64
CA ASP A 162 -5.43 27.85 -2.92
C ASP A 162 -5.74 27.11 -1.63
N HIS A 163 -4.87 26.19 -1.19
CA HIS A 163 -5.21 25.34 -0.05
C HIS A 163 -3.94 24.99 0.71
N GLY A 164 -3.92 25.30 2.01
CA GLY A 164 -2.79 24.95 2.86
C GLY A 164 -2.92 23.58 3.47
N VAL A 165 -1.87 22.78 3.35
CA VAL A 165 -1.87 21.43 3.95
C VAL A 165 -0.52 21.17 4.58
N LEU A 166 -0.28 19.93 5.00
CA LEU A 166 0.89 19.58 5.80
C LEU A 166 1.53 18.34 5.20
N VAL A 167 2.77 18.46 4.77
CA VAL A 167 3.55 17.29 4.33
C VAL A 167 4.11 16.63 5.57
N VAL A 168 3.75 15.36 5.79
CA VAL A 168 4.26 14.60 6.93
C VAL A 168 5.26 13.54 6.53
N GLY A 169 5.58 13.43 5.25
CA GLY A 169 6.51 12.42 4.79
C GLY A 169 6.42 12.25 3.28
N TYR A 170 7.04 11.19 2.79
CA TYR A 170 7.03 10.89 1.36
C TYR A 170 7.46 9.45 1.20
N GLY A 171 7.21 8.90 0.02
CA GLY A 171 7.51 7.52 -0.22
C GLY A 171 7.26 7.16 -1.66
N PHE A 172 7.04 5.88 -1.89
CA PHE A 172 6.84 5.38 -3.25
C PHE A 172 5.95 4.15 -3.25
N GLU A 173 5.34 3.89 -4.41
CA GLU A 173 4.65 2.63 -4.63
C GLU A 173 4.53 2.42 -6.14
N SER A 174 4.60 1.16 -6.55
CA SER A 174 4.56 0.84 -7.96
C SER A 174 3.20 1.18 -8.53
N THR A 175 3.20 1.74 -9.74
CA THR A 175 2.00 2.12 -10.45
C THR A 175 2.09 1.77 -11.93
N GLU A 176 0.92 1.79 -12.58
CA GLU A 176 0.82 1.54 -14.00
C GLU A 176 1.75 2.43 -14.82
N SER A 177 1.81 3.72 -14.49
CA SER A 177 2.53 4.67 -15.33
C SER A 177 4.00 4.79 -14.91
N ASP A 178 4.42 4.12 -13.85
CA ASP A 178 5.78 4.21 -13.32
C ASP A 178 6.13 5.60 -12.83
N ASN A 179 5.12 6.42 -12.50
CA ASN A 179 5.29 7.63 -11.72
C ASN A 179 4.95 7.26 -10.27
N ASN A 180 5.97 6.88 -9.50
CA ASN A 180 5.76 6.08 -8.30
C ASN A 180 5.99 6.84 -7.01
N LYS A 181 6.51 8.06 -7.07
CA LYS A 181 6.86 8.82 -5.88
C LYS A 181 5.71 9.71 -5.45
N TYR A 182 5.59 9.89 -4.13
CA TYR A 182 4.52 10.69 -3.58
C TYR A 182 4.94 11.41 -2.31
N TRP A 183 4.32 12.57 -2.10
CA TRP A 183 4.35 13.27 -0.83
C TRP A 183 3.17 12.78 -0.01
N LEU A 184 3.38 12.53 1.27
CA LEU A 184 2.28 12.13 2.17
C LEU A 184 1.75 13.39 2.83
N VAL A 185 0.50 13.71 2.55
CA VAL A 185 -0.07 15.00 2.92
C VAL A 185 -1.28 14.80 3.83
N LYS A 186 -1.29 15.53 4.92
CA LYS A 186 -2.40 15.59 5.87
C LYS A 186 -3.27 16.78 5.47
N ASN A 187 -4.57 16.51 5.20
CA ASN A 187 -5.55 17.52 4.89
C ASN A 187 -6.34 17.83 6.16
N SER A 188 -7.24 18.81 6.06
CA SER A 188 -8.06 19.29 7.15
C SER A 188 -9.55 19.21 6.82
N TRP A 189 -9.94 18.13 6.13
CA TRP A 189 -11.31 17.90 5.71
C TRP A 189 -11.93 16.70 6.44
N GLY A 190 -11.39 16.33 7.61
CA GLY A 190 -11.87 15.18 8.34
C GLY A 190 -11.35 13.87 7.77
N GLU A 191 -11.63 12.79 8.48
CA GLU A 191 -11.02 11.51 8.14
C GLU A 191 -11.82 10.72 7.12
N GLU A 192 -13.02 11.17 6.79
CA GLU A 192 -13.83 10.52 5.75
C GLU A 192 -13.38 10.90 4.35
N TRP A 193 -12.61 11.97 4.20
CA TRP A 193 -12.05 12.32 2.91
C TRP A 193 -10.76 11.56 2.67
N GLY A 194 -10.54 11.16 1.41
CA GLY A 194 -9.26 10.55 1.08
C GLY A 194 -8.99 9.28 1.85
N MET A 195 -7.71 9.09 2.22
CA MET A 195 -7.28 7.89 2.95
C MET A 195 -7.19 8.26 4.41
N GLY A 196 -8.30 8.11 5.12
CA GLY A 196 -8.35 8.56 6.49
C GLY A 196 -7.97 10.01 6.68
N GLY A 197 -8.20 10.85 5.67
CA GLY A 197 -7.88 12.26 5.74
C GLY A 197 -6.58 12.64 5.07
N TYR A 198 -5.83 11.67 4.58
CA TYR A 198 -4.54 11.88 3.93
C TYR A 198 -4.65 11.71 2.43
N VAL A 199 -3.68 12.28 1.74
CA VAL A 199 -3.56 12.12 0.30
C VAL A 199 -2.09 11.91 -0.04
N LYS A 200 -1.85 11.03 -0.99
CA LYS A 200 -0.52 10.84 -1.58
C LYS A 200 -0.46 11.67 -2.85
N MET A 201 0.31 12.74 -2.82
N MET A 201 0.29 12.77 -2.81
CA MET A 201 0.37 13.69 -3.92
CA MET A 201 0.39 13.72 -3.90
C MET A 201 1.63 13.46 -4.75
C MET A 201 1.61 13.41 -4.75
N ALA A 202 1.46 13.51 -6.06
CA ALA A 202 2.54 13.16 -6.98
C ALA A 202 3.81 13.94 -6.62
N LYS A 203 4.92 13.22 -6.51
CA LYS A 203 6.22 13.79 -6.16
C LYS A 203 7.19 13.65 -7.33
N ASP A 204 7.97 14.70 -7.53
CA ASP A 204 8.98 14.79 -8.57
C ASP A 204 8.38 14.74 -9.96
N ARG A 205 7.18 15.30 -10.10
CA ARG A 205 6.53 15.50 -11.37
C ARG A 205 6.32 17.00 -11.58
N ARG A 206 7.42 17.74 -11.77
CA ARG A 206 7.34 19.13 -12.19
C ARG A 206 6.61 20.00 -11.16
N ASN A 207 6.84 19.73 -9.87
CA ASN A 207 6.25 20.52 -8.80
C ASN A 207 4.72 20.52 -8.92
N HIS A 208 4.17 19.32 -8.94
CA HIS A 208 2.77 19.11 -9.24
C HIS A 208 1.91 19.82 -8.20
N CYS A 209 0.94 20.59 -8.68
CA CYS A 209 0.02 21.38 -7.85
C CYS A 209 0.74 22.39 -6.96
N GLY A 210 2.01 22.71 -7.25
CA GLY A 210 2.71 23.75 -6.52
C GLY A 210 3.18 23.38 -5.13
N ILE A 211 3.31 22.08 -4.85
CA ILE A 211 3.55 21.65 -3.47
C ILE A 211 4.84 22.21 -2.89
N ALA A 212 5.83 22.52 -3.75
CA ALA A 212 7.09 23.06 -3.27
C ALA A 212 7.19 24.58 -3.43
N SER A 213 6.11 25.26 -3.80
CA SER A 213 6.19 26.66 -4.19
C SER A 213 6.01 27.62 -3.03
N ALA A 214 5.48 27.18 -1.90
CA ALA A 214 5.28 28.05 -0.73
C ALA A 214 5.37 27.19 0.54
N ALA A 215 6.53 26.57 0.74
CA ALA A 215 6.76 25.65 1.84
C ALA A 215 7.52 26.34 2.96
N SER A 216 7.19 26.01 4.21
CA SER A 216 7.83 26.69 5.33
C SER A 216 7.55 25.92 6.60
N TYR A 217 8.27 26.28 7.66
CA TYR A 217 8.03 25.70 8.98
C TYR A 217 8.46 26.68 10.05
N PRO A 218 7.92 26.56 11.27
CA PRO A 218 8.31 27.49 12.33
C PRO A 218 9.58 27.04 13.05
N THR A 219 10.28 28.03 13.58
N THR A 219 10.30 28.05 13.55
CA THR A 219 11.52 27.80 14.32
CA THR A 219 11.50 27.84 14.34
C THR A 219 11.19 27.89 15.80
C THR A 219 11.11 27.88 15.81
N VAL A 220 11.34 26.78 16.51
CA VAL A 220 10.98 26.71 17.92
C VAL A 220 12.27 26.78 18.74
N ALA B 1 8.83 -19.35 0.26
CA ALA B 1 10.04 -19.23 -0.60
C ALA B 1 11.11 -20.24 -0.17
N PRO B 2 11.93 -20.69 -1.12
CA PRO B 2 13.01 -21.62 -0.76
C PRO B 2 13.90 -21.03 0.33
N ARG B 3 14.61 -21.91 1.04
CA ARG B 3 15.51 -21.44 2.08
C ARG B 3 16.77 -20.81 1.52
N SER B 4 17.14 -21.11 0.28
CA SER B 4 18.32 -20.51 -0.35
C SER B 4 18.08 -20.41 -1.84
N VAL B 5 18.69 -19.40 -2.45
CA VAL B 5 18.56 -19.11 -3.88
C VAL B 5 19.91 -18.62 -4.39
N ASP B 6 20.28 -19.06 -5.60
CA ASP B 6 21.47 -18.55 -6.27
C ASP B 6 21.19 -18.58 -7.77
N TRP B 7 20.95 -17.42 -8.35
CA TRP B 7 20.56 -17.38 -9.75
C TRP B 7 21.73 -17.61 -10.70
N ARG B 8 22.97 -17.53 -10.22
CA ARG B 8 24.11 -17.86 -11.05
C ARG B 8 24.05 -19.31 -11.55
N GLU B 9 23.53 -20.22 -10.73
CA GLU B 9 23.45 -21.62 -11.11
C GLU B 9 22.39 -21.88 -12.15
N LYS B 10 21.50 -20.93 -12.37
CA LYS B 10 20.43 -21.08 -13.35
C LYS B 10 20.73 -20.36 -14.65
N GLY B 11 21.88 -19.70 -14.77
CA GLY B 11 22.22 -19.03 -16.00
C GLY B 11 21.76 -17.59 -16.14
N TYR B 12 21.32 -16.97 -15.07
CA TYR B 12 20.77 -15.63 -15.12
C TYR B 12 21.81 -14.51 -14.97
N VAL B 13 23.08 -14.81 -14.72
CA VAL B 13 24.03 -13.81 -14.22
C VAL B 13 25.32 -13.84 -15.04
N THR B 14 25.72 -12.67 -15.56
CA THR B 14 26.95 -12.53 -16.32
C THR B 14 28.10 -12.44 -15.34
N PRO B 15 29.34 -12.58 -15.81
CA PRO B 15 30.50 -12.39 -14.92
C PRO B 15 30.55 -11.02 -14.29
N VAL B 16 31.36 -10.91 -13.23
CA VAL B 16 31.59 -9.63 -12.57
C VAL B 16 32.29 -8.67 -13.51
N LYS B 17 31.82 -7.44 -13.51
CA LYS B 17 32.38 -6.34 -14.28
C LYS B 17 32.99 -5.30 -13.34
N ASN B 18 33.63 -4.30 -13.93
CA ASN B 18 34.34 -3.30 -13.16
C ASN B 18 33.99 -1.91 -13.72
N GLN B 19 33.31 -1.12 -12.91
CA GLN B 19 32.94 0.23 -13.30
C GLN B 19 34.13 1.18 -13.36
N GLY B 20 35.27 0.81 -12.78
CA GLY B 20 36.41 1.70 -12.79
C GLY B 20 36.17 2.94 -11.93
N GLN B 21 36.75 4.06 -12.35
CA GLN B 21 36.68 5.31 -11.61
C GLN B 21 35.54 6.20 -12.09
N CYS B 22 34.45 5.61 -12.54
CA CYS B 22 33.26 6.30 -12.99
C CYS B 22 32.14 6.00 -12.03
N GLY B 23 31.36 7.02 -11.66
CA GLY B 23 30.24 6.78 -10.75
C GLY B 23 29.04 6.17 -11.46
N SER B 24 29.21 4.98 -12.01
CA SER B 24 28.18 4.37 -12.86
C SER B 24 27.59 3.09 -12.25
N CYS B 25 27.64 2.96 -10.92
CA CYS B 25 27.13 1.75 -10.29
C CYS B 25 25.67 1.47 -10.69
N TRP B 26 24.88 2.55 -10.79
CA TRP B 26 23.48 2.44 -11.21
C TRP B 26 23.35 1.70 -12.53
N ALA B 27 24.29 1.92 -13.43
CA ALA B 27 24.16 1.30 -14.75
C ALA B 27 24.51 -0.19 -14.72
N PHE B 28 25.49 -0.58 -13.88
CA PHE B 28 25.82 -2.00 -13.72
C PHE B 28 24.71 -2.72 -12.97
N SER B 29 24.10 -2.08 -11.98
CA SER B 29 23.00 -2.70 -11.28
C SER B 29 21.84 -2.91 -12.26
N ALA B 30 21.58 -1.91 -13.11
CA ALA B 30 20.46 -1.98 -14.04
C ALA B 30 20.70 -3.04 -15.13
N THR B 31 21.89 -3.06 -15.72
CA THR B 31 22.14 -4.10 -16.72
C THR B 31 22.05 -5.48 -16.09
N GLY B 32 22.53 -5.65 -14.86
CA GLY B 32 22.42 -6.94 -14.21
C GLY B 32 20.97 -7.40 -14.08
N ALA B 33 20.08 -6.51 -13.64
CA ALA B 33 18.69 -6.88 -13.49
C ALA B 33 18.05 -7.16 -14.84
N LEU B 34 18.37 -6.39 -15.85
CA LEU B 34 17.79 -6.62 -17.17
C LEU B 34 18.39 -7.83 -17.86
N GLU B 35 19.69 -8.12 -17.67
CA GLU B 35 20.28 -9.38 -18.12
C GLU B 35 19.50 -10.57 -17.57
N GLY B 36 19.17 -10.52 -16.28
CA GLY B 36 18.40 -11.60 -15.67
C GLY B 36 17.01 -11.75 -16.27
N GLN B 37 16.28 -10.65 -16.41
CA GLN B 37 14.91 -10.70 -16.92
C GLN B 37 14.89 -11.04 -18.38
N MET B 38 15.89 -10.61 -19.16
CA MET B 38 15.92 -11.03 -20.56
C MET B 38 16.16 -12.52 -20.67
N PHE B 39 17.02 -13.07 -19.80
CA PHE B 39 17.26 -14.51 -19.78
C PHE B 39 16.00 -15.27 -19.41
N ARG B 40 15.27 -14.78 -18.40
CA ARG B 40 13.99 -15.36 -18.02
C ARG B 40 13.05 -15.44 -19.22
N LYS B 41 13.05 -14.39 -20.04
CA LYS B 41 12.11 -14.28 -21.14
C LYS B 41 12.55 -15.07 -22.37
N THR B 42 13.87 -15.03 -22.69
CA THR B 42 14.34 -15.59 -23.96
C THR B 42 15.18 -16.84 -23.83
N GLY B 43 15.68 -17.16 -22.64
CA GLY B 43 16.59 -18.27 -22.50
C GLY B 43 18.01 -17.95 -22.90
N ARG B 44 18.31 -16.69 -23.19
CA ARG B 44 19.64 -16.30 -23.65
C ARG B 44 20.22 -15.26 -22.72
N LEU B 45 21.45 -15.49 -22.27
CA LEU B 45 22.17 -14.53 -21.45
C LEU B 45 23.09 -13.71 -22.35
N ILE B 46 22.84 -12.41 -22.44
CA ILE B 46 23.62 -11.50 -23.26
C ILE B 46 24.02 -10.31 -22.39
N SER B 47 25.32 -10.11 -22.20
CA SER B 47 25.82 -8.97 -21.46
C SER B 47 25.41 -7.66 -22.14
N LEU B 48 24.88 -6.73 -21.36
CA LEU B 48 24.33 -5.48 -21.87
C LEU B 48 25.26 -4.30 -21.60
N SER B 49 25.07 -3.22 -22.40
CA SER B 49 26.03 -2.12 -22.43
C SER B 49 25.73 -1.10 -21.34
N GLU B 50 26.61 -1.03 -20.34
CA GLU B 50 26.52 0.08 -19.39
C GLU B 50 26.86 1.42 -20.06
N GLN B 51 27.78 1.43 -21.01
CA GLN B 51 28.16 2.66 -21.68
C GLN B 51 26.98 3.28 -22.39
N ASN B 52 26.13 2.45 -23.02
CA ASN B 52 24.89 2.91 -23.64
C ASN B 52 24.05 3.70 -22.62
N LEU B 53 23.95 3.19 -21.41
CA LEU B 53 23.16 3.87 -20.38
C LEU B 53 23.84 5.17 -19.92
N VAL B 54 25.15 5.11 -19.71
CA VAL B 54 25.90 6.27 -19.27
C VAL B 54 25.78 7.39 -20.28
N ASP B 55 25.91 7.07 -21.58
CA ASP B 55 25.95 8.09 -22.61
C ASP B 55 24.57 8.63 -22.99
N CYS B 56 23.53 7.82 -22.85
CA CYS B 56 22.27 8.09 -23.54
C CYS B 56 21.07 8.31 -22.63
N SER B 57 21.15 8.01 -21.33
CA SER B 57 19.96 8.01 -20.48
C SER B 57 19.85 9.27 -19.62
N GLY B 58 20.55 10.34 -19.99
CA GLY B 58 20.34 11.64 -19.37
C GLY B 58 18.93 12.16 -19.42
N PRO B 59 18.21 11.99 -20.54
CA PRO B 59 16.84 12.51 -20.61
C PRO B 59 15.91 11.90 -19.58
N GLN B 60 16.23 10.72 -19.07
CA GLN B 60 15.45 10.05 -18.03
C GLN B 60 15.88 10.41 -16.62
N GLY B 61 16.92 11.21 -16.46
CA GLY B 61 17.37 11.67 -15.14
C GLY B 61 18.75 11.22 -14.74
N ASN B 62 19.42 10.39 -15.53
CA ASN B 62 20.75 9.95 -15.14
C ASN B 62 21.81 10.98 -15.50
N GLU B 63 22.93 10.94 -14.78
CA GLU B 63 24.02 11.91 -14.89
C GLU B 63 25.34 11.21 -15.16
N GLY B 64 25.31 10.16 -15.96
CA GLY B 64 26.54 9.55 -16.42
C GLY B 64 27.41 9.07 -15.26
N CYS B 65 28.66 9.54 -15.25
CA CYS B 65 29.62 9.17 -14.21
C CYS B 65 29.40 9.95 -12.92
N ASN B 66 28.48 10.92 -12.93
CA ASN B 66 28.13 11.68 -11.75
C ASN B 66 26.92 11.09 -11.03
N GLY B 67 26.45 9.93 -11.43
CA GLY B 67 25.43 9.21 -10.69
C GLY B 67 24.15 9.06 -11.49
N GLY B 68 23.25 8.24 -10.92
CA GLY B 68 22.04 7.88 -11.61
C GLY B 68 21.24 6.89 -10.77
N LEU B 69 20.17 6.35 -11.38
CA LEU B 69 19.31 5.43 -10.67
C LEU B 69 18.90 4.31 -11.62
N MET B 70 18.76 3.11 -11.06
CA MET B 70 18.40 1.97 -11.92
C MET B 70 17.04 2.19 -12.56
N ASP B 71 16.09 2.77 -11.82
CA ASP B 71 14.76 2.94 -12.42
C ASP B 71 14.82 3.86 -13.65
N TYR B 72 15.65 4.89 -13.60
CA TYR B 72 15.80 5.77 -14.75
C TYR B 72 16.40 5.02 -15.94
N ALA B 73 17.32 4.09 -15.66
CA ALA B 73 17.88 3.26 -16.74
C ALA B 73 16.80 2.36 -17.33
N PHE B 74 15.95 1.78 -16.49
CA PHE B 74 14.88 0.96 -17.03
C PHE B 74 13.94 1.81 -17.88
N GLN B 75 13.65 3.04 -17.44
CA GLN B 75 12.82 3.95 -18.22
C GLN B 75 13.46 4.28 -19.58
N TYR B 76 14.75 4.51 -19.60
CA TYR B 76 15.43 4.78 -20.87
C TYR B 76 15.21 3.63 -21.84
N VAL B 77 15.38 2.39 -21.36
CA VAL B 77 15.25 1.23 -22.27
C VAL B 77 13.86 1.20 -22.86
N GLN B 78 12.84 1.48 -22.03
CA GLN B 78 11.47 1.56 -22.54
C GLN B 78 11.30 2.67 -23.56
N ASP B 79 11.68 3.92 -23.20
CA ASP B 79 11.51 5.06 -24.10
C ASP B 79 12.25 4.84 -25.43
N ASN B 80 13.44 4.27 -25.35
CA ASN B 80 14.36 4.14 -26.47
C ASN B 80 14.00 2.99 -27.37
N GLY B 81 13.22 2.03 -26.87
CA GLY B 81 12.91 0.86 -27.65
C GLY B 81 14.01 -0.18 -27.71
N GLY B 82 15.01 -0.12 -26.84
CA GLY B 82 16.07 -1.10 -26.86
C GLY B 82 17.32 -0.64 -26.11
N LEU B 83 18.30 -1.54 -26.09
CA LEU B 83 19.57 -1.35 -25.38
C LEU B 83 20.59 -2.23 -26.08
N ASP B 84 21.74 -1.64 -26.42
CA ASP B 84 22.76 -2.38 -27.13
C ASP B 84 23.47 -3.37 -26.22
N SER B 85 24.02 -4.40 -26.84
CA SER B 85 24.84 -5.38 -26.15
C SER B 85 26.18 -4.76 -25.76
N GLU B 86 26.78 -5.36 -24.74
CA GLU B 86 28.10 -4.96 -24.29
C GLU B 86 29.12 -5.08 -25.41
N GLU B 87 29.03 -6.16 -26.16
CA GLU B 87 29.99 -6.42 -27.25
C GLU B 87 29.96 -5.30 -28.27
N SER B 88 28.76 -4.81 -28.59
CA SER B 88 28.59 -3.79 -29.62
C SER B 88 28.88 -2.37 -29.16
N TYR B 89 28.83 -2.12 -27.85
CA TYR B 89 28.92 -0.78 -27.28
C TYR B 89 29.73 -0.88 -25.99
N PRO B 90 31.04 -1.11 -26.10
CA PRO B 90 31.82 -1.50 -24.93
C PRO B 90 32.03 -0.36 -23.93
N TYR B 91 32.38 -0.76 -22.72
CA TYR B 91 32.48 0.17 -21.60
C TYR B 91 33.79 0.95 -21.63
N GLU B 92 33.70 2.27 -21.48
CA GLU B 92 34.85 3.14 -21.55
C GLU B 92 35.14 3.88 -20.24
N ALA B 93 34.25 3.78 -19.26
CA ALA B 93 34.41 4.41 -17.93
C ALA B 93 34.54 5.93 -17.99
N THR B 94 33.91 6.56 -18.97
CA THR B 94 33.83 8.01 -19.06
C THR B 94 32.63 8.36 -19.93
N GLU B 95 32.02 9.52 -19.67
CA GLU B 95 30.80 9.88 -20.39
C GLU B 95 31.15 10.40 -21.78
N GLU B 96 30.40 9.95 -22.77
CA GLU B 96 30.59 10.39 -24.15
C GLU B 96 29.23 10.59 -24.79
N SER B 97 29.21 11.17 -25.98
CA SER B 97 27.94 11.34 -26.68
C SER B 97 27.33 9.99 -27.03
N CYS B 98 26.01 9.97 -27.11
N CYS B 98 26.00 9.99 -27.12
CA CYS B 98 25.28 8.73 -27.33
CA CYS B 98 25.25 8.77 -27.39
C CYS B 98 25.56 8.15 -28.70
C CYS B 98 25.65 8.17 -28.74
N LYS B 99 25.89 6.86 -28.75
CA LYS B 99 26.14 6.15 -29.99
C LYS B 99 25.24 4.93 -30.17
N TYR B 100 24.06 4.96 -29.55
CA TYR B 100 23.12 3.84 -29.66
C TYR B 100 22.80 3.54 -31.12
N ASN B 101 22.81 2.26 -31.46
CA ASN B 101 22.45 1.78 -32.78
C ASN B 101 21.38 0.71 -32.62
N PRO B 102 20.16 0.92 -33.12
CA PRO B 102 19.12 -0.09 -32.88
C PRO B 102 19.43 -1.44 -33.51
N LYS B 103 20.30 -1.48 -34.51
CA LYS B 103 20.63 -2.77 -35.12
C LYS B 103 21.23 -3.74 -34.11
N TYR B 104 21.91 -3.22 -33.08
CA TYR B 104 22.57 -4.05 -32.10
C TYR B 104 21.80 -4.11 -30.78
N SER B 105 20.54 -3.68 -30.78
CA SER B 105 19.73 -3.83 -29.58
C SER B 105 19.43 -5.31 -29.30
N VAL B 106 19.60 -5.71 -28.04
CA VAL B 106 19.35 -7.08 -27.61
C VAL B 106 18.45 -7.15 -26.40
N ALA B 107 17.94 -6.02 -25.89
CA ALA B 107 17.10 -6.03 -24.71
C ALA B 107 16.02 -4.96 -24.82
N ASN B 108 14.94 -5.14 -24.06
N ASN B 108 14.93 -5.15 -24.09
CA ASN B 108 13.81 -4.23 -24.07
CA ASN B 108 13.86 -4.17 -24.04
C ASN B 108 13.05 -4.40 -22.75
C ASN B 108 13.11 -4.36 -22.72
N ASP B 109 12.26 -3.39 -22.39
CA ASP B 109 11.40 -3.55 -21.23
C ASP B 109 10.19 -2.65 -21.41
N ALA B 110 9.18 -2.87 -20.56
CA ALA B 110 7.98 -2.07 -20.56
C ALA B 110 7.81 -1.44 -19.18
N GLY B 111 8.87 -0.88 -18.66
CA GLY B 111 8.81 -0.21 -17.38
C GLY B 111 9.55 -0.97 -16.31
N PHE B 112 9.14 -0.74 -15.06
CA PHE B 112 9.84 -1.33 -13.94
C PHE B 112 8.90 -1.42 -12.74
N VAL B 113 9.36 -2.20 -11.74
CA VAL B 113 8.62 -2.51 -10.53
C VAL B 113 9.46 -2.07 -9.35
N ASP B 114 8.91 -1.25 -8.47
CA ASP B 114 9.53 -0.92 -7.19
C ASP B 114 8.94 -1.84 -6.13
N ILE B 115 9.80 -2.64 -5.49
CA ILE B 115 9.39 -3.58 -4.44
C ILE B 115 9.13 -2.81 -3.15
N PRO B 116 8.07 -3.13 -2.40
CA PRO B 116 7.85 -2.44 -1.12
C PRO B 116 9.05 -2.62 -0.19
N LYS B 117 9.19 -1.68 0.75
CA LYS B 117 10.39 -1.61 1.60
C LYS B 117 10.29 -2.58 2.77
N GLN B 118 10.29 -3.87 2.45
CA GLN B 118 10.38 -4.92 3.45
C GLN B 118 11.31 -6.00 2.94
N GLU B 119 12.17 -6.52 3.83
CA GLU B 119 13.05 -7.62 3.42
C GLU B 119 12.26 -8.88 3.07
N LYS B 120 11.10 -9.10 3.69
CA LYS B 120 10.29 -10.24 3.29
C LYS B 120 9.83 -10.11 1.84
N ALA B 121 9.48 -8.88 1.43
CA ALA B 121 9.10 -8.63 0.03
C ALA B 121 10.27 -8.80 -0.92
N LEU B 122 11.44 -8.31 -0.54
CA LEU B 122 12.64 -8.53 -1.33
C LEU B 122 12.91 -10.02 -1.47
N MET B 123 12.75 -10.78 -0.38
CA MET B 123 13.07 -12.21 -0.46
C MET B 123 12.14 -12.91 -1.46
N LYS B 124 10.84 -12.58 -1.43
CA LYS B 124 9.90 -13.18 -2.39
C LYS B 124 10.23 -12.78 -3.82
N ALA B 125 10.63 -11.52 -4.04
CA ALA B 125 11.00 -11.08 -5.37
C ALA B 125 12.23 -11.82 -5.86
N VAL B 126 13.27 -11.92 -5.02
CA VAL B 126 14.45 -12.69 -5.41
C VAL B 126 14.07 -14.14 -5.73
N ALA B 127 13.21 -14.74 -4.93
CA ALA B 127 12.88 -16.15 -5.13
C ALA B 127 12.10 -16.37 -6.42
N THR B 128 11.30 -15.40 -6.84
CA THR B 128 10.34 -15.66 -7.90
C THR B 128 10.55 -14.83 -9.16
N VAL B 129 11.33 -13.75 -9.10
CA VAL B 129 11.57 -12.89 -10.25
C VAL B 129 12.92 -13.19 -10.90
N GLY B 130 13.98 -13.24 -10.09
CA GLY B 130 15.34 -13.30 -10.56
C GLY B 130 16.17 -12.27 -9.82
N PRO B 131 17.35 -11.95 -10.36
CA PRO B 131 18.21 -10.93 -9.74
C PRO B 131 17.53 -9.56 -9.68
N ILE B 132 17.74 -8.85 -8.58
CA ILE B 132 17.02 -7.64 -8.23
C ILE B 132 18.03 -6.50 -8.03
N SER B 133 17.76 -5.35 -8.67
CA SER B 133 18.55 -4.14 -8.43
C SER B 133 18.24 -3.62 -7.03
N VAL B 134 19.28 -3.33 -6.24
CA VAL B 134 19.11 -2.70 -4.93
C VAL B 134 20.12 -1.57 -4.74
N ALA B 135 19.78 -0.68 -3.82
CA ALA B 135 20.71 0.35 -3.35
C ALA B 135 21.14 0.03 -1.92
N ILE B 136 22.43 0.23 -1.61
CA ILE B 136 22.92 -0.01 -0.25
C ILE B 136 23.76 1.16 0.21
N ASP B 137 23.89 1.27 1.53
CA ASP B 137 24.87 2.17 2.12
C ASP B 137 26.22 1.46 2.10
N ALA B 138 27.05 1.80 1.12
CA ALA B 138 28.38 1.24 0.99
C ALA B 138 29.46 2.23 1.40
N GLY B 139 29.09 3.34 2.04
CA GLY B 139 30.02 4.41 2.32
C GLY B 139 30.83 4.23 3.60
N HIS B 140 31.38 3.02 3.80
CA HIS B 140 32.21 2.74 4.96
C HIS B 140 33.43 1.94 4.52
N GLU B 141 34.57 2.20 5.16
CA GLU B 141 35.78 1.51 4.70
C GLU B 141 35.69 0.00 4.92
N SER B 142 34.87 -0.46 5.86
CA SER B 142 34.63 -1.90 5.99
C SER B 142 34.10 -2.50 4.69
N PHE B 143 33.28 -1.76 3.94
CA PHE B 143 32.78 -2.28 2.68
C PHE B 143 33.88 -2.24 1.63
N LEU B 144 34.66 -1.16 1.59
N LEU B 144 34.65 -1.16 1.61
CA LEU B 144 35.76 -1.11 0.64
CA LEU B 144 35.77 -1.06 0.69
C LEU B 144 36.75 -2.26 0.86
C LEU B 144 36.75 -2.21 0.87
N PHE B 145 37.05 -2.57 2.13
CA PHE B 145 38.05 -3.57 2.46
C PHE B 145 37.48 -4.98 2.55
N TYR B 146 36.20 -5.17 2.26
CA TYR B 146 35.56 -6.46 2.44
C TYR B 146 36.24 -7.54 1.62
N LYS B 147 36.48 -8.68 2.24
CA LYS B 147 37.16 -9.80 1.59
C LYS B 147 36.31 -11.07 1.63
N GLU B 148 35.78 -11.42 2.80
CA GLU B 148 35.00 -12.63 2.94
C GLU B 148 34.04 -12.45 4.11
N GLY B 149 33.06 -13.34 4.19
CA GLY B 149 32.19 -13.41 5.36
C GLY B 149 30.90 -12.64 5.17
N ILE B 150 30.11 -12.64 6.23
CA ILE B 150 28.83 -11.96 6.21
C ILE B 150 29.05 -10.52 6.66
N TYR B 151 28.78 -9.60 5.77
CA TYR B 151 29.06 -8.19 5.99
C TYR B 151 28.01 -7.59 6.91
N PHE B 152 28.47 -7.06 8.05
CA PHE B 152 27.63 -6.31 8.94
C PHE B 152 28.44 -5.12 9.43
N GLU B 153 27.94 -3.92 9.21
CA GLU B 153 28.61 -2.67 9.60
C GLU B 153 27.72 -1.96 10.60
N PRO B 154 28.10 -1.87 11.87
CA PRO B 154 27.17 -1.29 12.85
C PRO B 154 26.79 0.17 12.58
N ASP B 155 27.56 0.90 11.77
CA ASP B 155 27.25 2.28 11.45
C ASP B 155 26.47 2.42 10.16
N CYS B 156 26.02 1.30 9.58
CA CYS B 156 25.32 1.34 8.29
C CYS B 156 23.94 1.98 8.43
N SER B 157 23.56 2.74 7.42
CA SER B 157 22.26 3.39 7.39
C SER B 157 21.26 2.50 6.69
N SER B 158 20.03 2.46 7.19
CA SER B 158 18.96 1.75 6.50
C SER B 158 18.15 2.67 5.61
N GLU B 159 18.46 3.96 5.62
CA GLU B 159 17.70 4.97 4.91
C GLU B 159 18.49 5.70 3.84
N ASP B 160 19.79 5.90 4.04
CA ASP B 160 20.61 6.71 3.14
C ASP B 160 21.59 5.79 2.41
N MET B 161 21.32 5.54 1.14
CA MET B 161 22.09 4.60 0.33
C MET B 161 22.86 5.39 -0.72
N ASP B 162 23.98 4.82 -1.17
CA ASP B 162 24.85 5.54 -2.09
C ASP B 162 25.45 4.65 -3.17
N HIS B 163 25.04 3.40 -3.29
CA HIS B 163 25.69 2.46 -4.19
C HIS B 163 24.68 1.45 -4.69
N GLY B 164 24.55 1.33 -6.01
CA GLY B 164 23.65 0.35 -6.59
C GLY B 164 24.38 -0.94 -6.91
N VAL B 165 23.77 -2.06 -6.52
CA VAL B 165 24.31 -3.41 -6.72
C VAL B 165 23.18 -4.32 -7.12
N LEU B 166 23.44 -5.63 -7.11
CA LEU B 166 22.49 -6.62 -7.65
C LEU B 166 22.38 -7.80 -6.71
N VAL B 167 21.18 -8.09 -6.20
CA VAL B 167 20.97 -9.27 -5.38
C VAL B 167 20.70 -10.43 -6.32
N VAL B 168 21.54 -11.47 -6.27
CA VAL B 168 21.40 -12.66 -7.09
C VAL B 168 20.95 -13.87 -6.29
N GLY B 169 20.76 -13.74 -4.98
CA GLY B 169 20.33 -14.86 -4.18
C GLY B 169 20.37 -14.53 -2.70
N TYR B 170 20.20 -15.56 -1.89
CA TYR B 170 20.25 -15.42 -0.43
C TYR B 170 20.49 -16.80 0.15
N GLY B 171 20.97 -16.83 1.39
CA GLY B 171 21.27 -18.07 2.02
C GLY B 171 21.34 -17.93 3.53
N PHE B 172 21.80 -19.02 4.15
CA PHE B 172 21.75 -19.16 5.59
C PHE B 172 23.07 -19.74 6.09
N GLU B 173 23.23 -19.66 7.41
CA GLU B 173 24.36 -20.27 8.11
C GLU B 173 24.12 -21.75 8.33
N SER B 174 22.95 -22.10 8.86
CA SER B 174 22.55 -23.49 9.01
C SER B 174 21.04 -23.54 8.84
N THR B 175 20.55 -24.74 8.49
CA THR B 175 19.13 -24.91 8.20
C THR B 175 18.25 -24.46 9.36
N GLU B 176 18.72 -24.62 10.60
CA GLU B 176 17.90 -24.36 11.77
C GLU B 176 18.37 -23.13 12.54
N SER B 177 19.31 -22.37 12.02
CA SER B 177 19.75 -21.14 12.66
C SER B 177 19.08 -19.94 12.00
N ASP B 178 18.55 -19.03 12.83
CA ASP B 178 18.14 -17.72 12.34
C ASP B 178 19.31 -16.76 12.22
N ASN B 179 20.49 -17.16 12.68
CA ASN B 179 21.61 -16.25 12.73
C ASN B 179 22.35 -16.23 11.39
N ASN B 180 22.86 -15.05 11.04
CA ASN B 180 23.82 -14.93 9.95
C ASN B 180 23.23 -15.41 8.63
N LYS B 181 21.98 -15.07 8.39
CA LYS B 181 21.44 -15.18 7.04
C LYS B 181 22.06 -14.08 6.19
N TYR B 182 22.05 -14.26 4.87
CA TYR B 182 22.70 -13.27 4.04
C TYR B 182 22.02 -13.18 2.69
N TRP B 183 22.15 -12.00 2.11
CA TRP B 183 21.89 -11.71 0.70
C TRP B 183 23.18 -11.92 -0.07
N LEU B 184 23.08 -12.59 -1.22
CA LEU B 184 24.22 -12.77 -2.12
C LEU B 184 24.21 -11.64 -3.15
N VAL B 185 25.24 -10.80 -3.12
CA VAL B 185 25.22 -9.52 -3.83
C VAL B 185 26.40 -9.45 -4.79
N LYS B 186 26.12 -9.22 -6.07
CA LYS B 186 27.11 -8.96 -7.10
C LYS B 186 27.43 -7.46 -7.10
N ASN B 187 28.71 -7.12 -6.89
CA ASN B 187 29.20 -5.75 -7.03
C ASN B 187 29.79 -5.55 -8.42
N SER B 188 30.20 -4.31 -8.70
CA SER B 188 30.75 -3.89 -9.99
C SER B 188 32.14 -3.29 -9.82
N TRP B 189 32.91 -3.86 -8.89
CA TRP B 189 34.24 -3.39 -8.58
C TRP B 189 35.31 -4.38 -8.98
N GLY B 190 35.01 -5.24 -9.96
CA GLY B 190 35.94 -6.25 -10.41
C GLY B 190 36.00 -7.48 -9.51
N GLU B 191 36.69 -8.48 -10.02
CA GLU B 191 36.78 -9.78 -9.38
C GLU B 191 37.69 -9.81 -8.16
N GLU B 192 38.64 -8.86 -8.06
N GLU B 192 38.62 -8.86 -8.06
CA GLU B 192 39.58 -8.85 -6.95
CA GLU B 192 39.57 -8.87 -6.95
C GLU B 192 38.88 -8.45 -5.66
C GLU B 192 38.97 -8.35 -5.66
N TRP B 193 37.92 -7.55 -5.74
CA TRP B 193 37.23 -7.09 -4.55
C TRP B 193 36.34 -8.20 -4.00
N GLY B 194 36.29 -8.31 -2.70
CA GLY B 194 35.42 -9.26 -2.06
C GLY B 194 35.67 -10.72 -2.42
N MET B 195 34.57 -11.48 -2.47
N MET B 195 34.57 -11.46 -2.51
CA MET B 195 34.59 -12.91 -2.78
CA MET B 195 34.55 -12.88 -2.81
C MET B 195 34.35 -13.04 -4.28
C MET B 195 34.34 -13.04 -4.30
N GLY B 196 35.43 -12.97 -5.05
CA GLY B 196 35.28 -12.96 -6.49
C GLY B 196 34.39 -11.85 -7.00
N GLY B 197 34.31 -10.72 -6.28
CA GLY B 197 33.47 -9.63 -6.68
C GLY B 197 32.09 -9.63 -6.06
N TYR B 198 31.78 -10.62 -5.23
CA TYR B 198 30.52 -10.76 -4.52
C TYR B 198 30.72 -10.44 -3.03
N VAL B 199 29.62 -10.11 -2.36
CA VAL B 199 29.60 -9.87 -0.92
C VAL B 199 28.34 -10.54 -0.36
N LYS B 200 28.46 -11.13 0.82
CA LYS B 200 27.32 -11.68 1.54
C LYS B 200 26.90 -10.62 2.56
N MET B 201 25.73 -10.03 2.37
N MET B 201 25.73 -10.02 2.36
CA MET B 201 25.26 -8.94 3.23
CA MET B 201 25.23 -8.94 3.20
C MET B 201 24.21 -9.44 4.19
C MET B 201 24.21 -9.46 4.19
N ALA B 202 24.33 -9.01 5.45
CA ALA B 202 23.43 -9.42 6.50
C ALA B 202 21.98 -9.27 6.05
N LYS B 203 21.22 -10.34 6.25
CA LYS B 203 19.82 -10.47 5.87
C LYS B 203 18.96 -10.64 7.12
N ASP B 204 17.81 -9.97 7.11
CA ASP B 204 16.86 -10.04 8.22
C ASP B 204 17.47 -9.51 9.51
N ARG B 205 18.28 -8.47 9.38
CA ARG B 205 18.81 -7.73 10.51
C ARG B 205 18.40 -6.27 10.36
N ARG B 206 17.10 -6.02 10.46
CA ARG B 206 16.52 -4.67 10.40
C ARG B 206 16.99 -3.93 9.15
N ASN B 207 16.85 -4.60 8.00
CA ASN B 207 17.09 -3.96 6.70
C ASN B 207 18.49 -3.32 6.65
N HIS B 208 19.48 -4.16 6.89
CA HIS B 208 20.84 -3.70 7.09
C HIS B 208 21.36 -3.03 5.83
N CYS B 209 21.91 -1.83 5.99
CA CYS B 209 22.46 -1.00 4.91
C CYS B 209 21.42 -0.65 3.89
N GLY B 210 20.13 -0.78 4.24
CA GLY B 210 19.05 -0.29 3.40
C GLY B 210 18.78 -1.14 2.18
N ILE B 211 19.19 -2.40 2.21
CA ILE B 211 19.14 -3.25 1.02
C ILE B 211 17.73 -3.41 0.48
N ALA B 212 16.72 -3.34 1.34
CA ALA B 212 15.34 -3.44 0.89
C ALA B 212 14.67 -2.07 0.70
N SER B 213 15.41 -0.97 0.84
CA SER B 213 14.80 0.34 0.82
C SER B 213 14.52 0.88 -0.57
N ALA B 214 15.22 0.39 -1.60
CA ALA B 214 15.11 0.92 -2.96
C ALA B 214 15.35 -0.20 -3.98
N ALA B 215 14.61 -1.28 -3.86
CA ALA B 215 14.81 -2.46 -4.69
C ALA B 215 13.87 -2.40 -5.88
N SER B 216 14.33 -2.85 -7.05
CA SER B 216 13.48 -2.79 -8.24
C SER B 216 14.02 -3.70 -9.33
N TYR B 217 13.20 -3.89 -10.38
CA TYR B 217 13.60 -4.70 -11.51
C TYR B 217 12.76 -4.29 -12.72
N PRO B 218 13.23 -4.57 -13.92
CA PRO B 218 12.48 -4.15 -15.11
C PRO B 218 11.36 -5.13 -15.43
N THR B 219 10.31 -4.58 -16.02
CA THR B 219 9.16 -5.34 -16.49
C THR B 219 9.51 -5.87 -17.87
N VAL B 220 9.62 -7.18 -18.00
CA VAL B 220 9.98 -7.83 -19.25
C VAL B 220 9.00 -8.98 -19.47
N ALA C 1 -20.89 7.43 31.64
CA ALA C 1 -19.68 7.70 30.80
C ALA C 1 -20.01 8.82 29.80
N PRO C 2 -18.97 9.36 29.14
CA PRO C 2 -19.22 10.37 28.11
C PRO C 2 -19.97 9.77 26.93
N ARG C 3 -20.60 10.66 26.16
CA ARG C 3 -21.36 10.21 25.00
C ARG C 3 -20.45 9.76 23.86
N SER C 4 -19.21 10.25 23.79
CA SER C 4 -18.28 9.78 22.78
C SER C 4 -16.85 9.85 23.33
N VAL C 5 -16.00 8.97 22.79
CA VAL C 5 -14.62 8.85 23.24
C VAL C 5 -13.76 8.56 22.02
N ASP C 6 -12.56 9.14 21.97
CA ASP C 6 -11.58 8.80 20.94
C ASP C 6 -10.18 8.96 21.55
N TRP C 7 -9.58 7.85 21.98
CA TRP C 7 -8.28 7.90 22.62
C TRP C 7 -7.16 8.29 21.69
N ARG C 8 -7.37 8.27 20.38
CA ARG C 8 -6.37 8.79 19.45
C ARG C 8 -6.09 10.26 19.72
N GLU C 9 -7.12 11.02 20.09
CA GLU C 9 -6.97 12.44 20.36
C GLU C 9 -6.14 12.70 21.61
N LYS C 10 -6.05 11.72 22.52
CA LYS C 10 -5.31 11.92 23.77
C LYS C 10 -3.90 11.35 23.72
N GLY C 11 -3.46 10.81 22.59
CA GLY C 11 -2.11 10.31 22.46
C GLY C 11 -1.89 8.86 22.82
N TYR C 12 -2.95 8.05 22.90
CA TYR C 12 -2.83 6.69 23.40
C TYR C 12 -2.53 5.67 22.31
N VAL C 13 -2.58 6.04 21.03
CA VAL C 13 -2.68 5.06 19.96
C VAL C 13 -1.60 5.28 18.92
N THR C 14 -0.90 4.19 18.57
CA THR C 14 0.15 4.23 17.56
C THR C 14 -0.50 4.19 16.18
N PRO C 15 0.26 4.48 15.12
CA PRO C 15 -0.30 4.35 13.77
C PRO C 15 -0.70 2.93 13.46
N VAL C 16 -1.56 2.81 12.45
CA VAL C 16 -2.04 1.51 12.02
C VAL C 16 -0.91 0.67 11.45
N LYS C 17 -0.91 -0.61 11.85
CA LYS C 17 0.08 -1.59 11.45
C LYS C 17 -0.54 -2.62 10.51
N ASN C 18 0.30 -3.45 9.90
CA ASN C 18 -0.16 -4.49 8.98
C ASN C 18 0.44 -5.84 9.39
N GLN C 19 -0.41 -6.77 9.82
CA GLN C 19 0.02 -8.10 10.19
C GLN C 19 0.42 -8.94 8.99
N GLY C 20 0.15 -8.48 7.77
CA GLY C 20 0.57 -9.32 6.67
C GLY C 20 -0.29 -10.57 6.58
N GLN C 21 0.28 -11.64 6.05
CA GLN C 21 -0.43 -12.91 5.86
C GLN C 21 -0.27 -13.88 7.05
N CYS C 22 0.21 -13.40 8.18
CA CYS C 22 0.42 -14.19 9.38
C CYS C 22 -0.77 -14.00 10.31
N GLY C 23 -1.28 -15.10 10.86
CA GLY C 23 -2.43 -15.04 11.75
C GLY C 23 -2.06 -14.57 13.14
N SER C 24 -1.56 -13.34 13.21
CA SER C 24 -1.02 -12.79 14.45
C SER C 24 -1.85 -11.63 14.97
N CYS C 25 -3.13 -11.57 14.63
CA CYS C 25 -3.98 -10.47 15.04
C CYS C 25 -3.99 -10.29 16.54
N TRP C 26 -3.95 -11.41 17.28
CA TRP C 26 -3.93 -11.37 18.73
C TRP C 26 -2.76 -10.55 19.24
N ALA C 27 -1.64 -10.56 18.54
CA ALA C 27 -0.45 -9.86 19.03
C ALA C 27 -0.57 -8.37 18.80
N PHE C 28 -1.18 -7.98 17.68
CA PHE C 28 -1.39 -6.56 17.39
C PHE C 28 -2.45 -5.98 18.31
N SER C 29 -3.50 -6.74 18.61
CA SER C 29 -4.49 -6.29 19.59
C SER C 29 -3.82 -6.08 20.93
N ALA C 30 -2.95 -7.02 21.32
CA ALA C 30 -2.31 -6.94 22.63
C ALA C 30 -1.35 -5.76 22.73
N THR C 31 -0.46 -5.60 21.73
CA THR C 31 0.43 -4.45 21.75
C THR C 31 -0.36 -3.15 21.74
N GLY C 32 -1.47 -3.10 20.98
CA GLY C 32 -2.29 -1.90 21.01
C GLY C 32 -2.78 -1.56 22.41
N ALA C 33 -3.26 -2.56 23.14
CA ALA C 33 -3.79 -2.31 24.46
C ALA C 33 -2.66 -1.95 25.40
N LEU C 34 -1.52 -2.63 25.29
CA LEU C 34 -0.42 -2.34 26.23
C LEU C 34 0.22 -0.99 25.91
N GLU C 35 0.31 -0.63 24.61
CA GLU C 35 0.74 0.71 24.20
C GLU C 35 -0.09 1.79 24.89
N GLY C 36 -1.41 1.61 24.91
CA GLY C 36 -2.30 2.56 25.56
C GLY C 36 -2.06 2.64 27.05
N GLN C 37 -1.98 1.50 27.72
CA GLN C 37 -1.82 1.53 29.17
C GLN C 37 -0.44 2.01 29.57
N MET C 38 0.60 1.73 28.77
CA MET C 38 1.92 2.28 29.09
C MET C 38 1.93 3.80 28.94
N PHE C 39 1.24 4.32 27.92
CA PHE C 39 1.12 5.76 27.80
C PHE C 39 0.36 6.35 28.97
N ARG C 40 -0.75 5.72 29.35
CA ARG C 40 -1.53 6.17 30.50
C ARG C 40 -0.65 6.28 31.74
N LYS C 41 0.25 5.32 31.93
CA LYS C 41 1.08 5.30 33.12
C LYS C 41 2.21 6.33 33.04
N THR C 42 2.85 6.45 31.88
CA THR C 42 4.10 7.18 31.78
C THR C 42 4.07 8.44 30.94
N GLY C 43 3.10 8.59 30.04
CA GLY C 43 3.09 9.70 29.12
C GLY C 43 3.89 9.49 27.87
N ARG C 44 4.49 8.32 27.68
CA ARG C 44 5.29 8.01 26.49
C ARG C 44 4.57 6.95 25.66
N LEU C 45 4.38 7.25 24.39
CA LEU C 45 3.77 6.32 23.44
C LEU C 45 4.91 5.69 22.64
N ILE C 46 5.10 4.39 22.83
CA ILE C 46 6.16 3.63 22.18
C ILE C 46 5.55 2.37 21.52
N SER C 47 5.78 2.22 20.23
CA SER C 47 5.32 1.05 19.51
C SER C 47 6.02 -0.20 20.02
N LEU C 48 5.25 -1.25 20.29
CA LEU C 48 5.76 -2.47 20.91
C LEU C 48 5.83 -3.61 19.90
N SER C 49 6.59 -4.63 20.26
CA SER C 49 6.99 -5.66 19.31
C SER C 49 5.98 -6.80 19.26
N GLU C 50 5.20 -6.86 18.17
CA GLU C 50 4.37 -8.04 17.94
C GLU C 50 5.23 -9.29 17.71
N GLN C 51 6.37 -9.15 17.04
CA GLN C 51 7.24 -10.29 16.78
C GLN C 51 7.73 -10.91 18.08
N ASN C 52 8.04 -10.09 19.08
CA ASN C 52 8.42 -10.59 20.40
C ASN C 52 7.35 -11.53 20.93
N LEU C 53 6.08 -11.12 20.81
CA LEU C 53 4.96 -11.96 21.25
C LEU C 53 4.86 -13.22 20.41
N VAL C 54 4.97 -13.09 19.09
CA VAL C 54 4.83 -14.24 18.21
C VAL C 54 5.90 -15.28 18.49
N ASP C 55 7.15 -14.84 18.70
CA ASP C 55 8.25 -15.78 18.85
C ASP C 55 8.31 -16.39 20.25
N CYS C 56 7.78 -15.71 21.28
CA CYS C 56 8.18 -15.98 22.65
C CYS C 56 7.07 -16.40 23.60
N SER C 57 5.79 -16.21 23.26
CA SER C 57 4.72 -16.45 24.21
C SER C 57 4.02 -17.80 24.00
N GLY C 58 4.68 -18.75 23.33
CA GLY C 58 4.18 -20.11 23.30
C GLY C 58 3.90 -20.73 24.65
N PRO C 59 4.75 -20.53 25.64
CA PRO C 59 4.53 -21.22 26.92
C PRO C 59 3.26 -20.77 27.61
N GLN C 60 2.76 -19.61 27.25
CA GLN C 60 1.51 -19.05 27.78
C GLN C 60 0.29 -19.55 27.01
N GLY C 61 0.49 -20.30 25.93
CA GLY C 61 -0.60 -20.83 25.13
C GLY C 61 -0.73 -20.27 23.73
N ASN C 62 0.11 -19.32 23.34
CA ASN C 62 -0.03 -18.76 22.01
C ASN C 62 0.66 -19.66 20.97
N GLU C 63 0.23 -19.51 19.72
CA GLU C 63 0.68 -20.37 18.64
C GLU C 63 1.16 -19.55 17.43
N GLY C 64 1.76 -18.40 17.68
CA GLY C 64 2.40 -17.64 16.62
C GLY C 64 1.44 -17.22 15.53
N CYS C 65 1.83 -17.50 14.29
CA CYS C 65 0.99 -17.20 13.15
C CYS C 65 -0.22 -18.11 13.06
N ASN C 66 -0.32 -19.14 13.90
CA ASN C 66 -1.46 -20.05 13.90
C ASN C 66 -2.49 -19.68 14.99
N GLY C 67 -2.41 -18.50 15.54
CA GLY C 67 -3.43 -18.01 16.45
C GLY C 67 -2.90 -17.84 17.86
N GLY C 68 -3.72 -17.16 18.67
CA GLY C 68 -3.35 -16.87 20.05
C GLY C 68 -4.45 -16.04 20.70
N LEU C 69 -4.17 -15.56 21.92
CA LEU C 69 -5.13 -14.78 22.68
C LEU C 69 -4.43 -13.61 23.36
N MET C 70 -5.10 -12.47 23.38
CA MET C 70 -4.50 -11.28 23.99
C MET C 70 -4.15 -11.54 25.45
N ASP C 71 -5.04 -12.21 26.20
CA ASP C 71 -4.77 -12.49 27.61
C ASP C 71 -3.49 -13.31 27.78
N TYR C 72 -3.26 -14.28 26.90
CA TYR C 72 -2.01 -15.02 26.97
C TYR C 72 -0.81 -14.12 26.70
N ALA C 73 -0.96 -13.15 25.80
CA ALA C 73 0.13 -12.21 25.57
C ALA C 73 0.39 -11.34 26.79
N PHE C 74 -0.67 -10.86 27.45
CA PHE C 74 -0.45 -10.06 28.66
C PHE C 74 0.22 -10.91 29.72
N GLN C 75 -0.13 -12.19 29.81
CA GLN C 75 0.48 -13.08 30.79
C GLN C 75 1.96 -13.30 30.49
N TYR C 76 2.31 -13.44 29.22
CA TYR C 76 3.73 -13.50 28.83
C TYR C 76 4.50 -12.28 29.31
N VAL C 77 3.99 -11.07 29.04
CA VAL C 77 4.72 -9.87 29.43
C VAL C 77 4.99 -9.88 30.93
N GLN C 78 3.97 -10.25 31.72
CA GLN C 78 4.16 -10.34 33.16
C GLN C 78 5.18 -11.40 33.53
N ASP C 79 5.04 -12.61 32.96
CA ASP C 79 5.94 -13.71 33.27
C ASP C 79 7.37 -13.39 32.85
N ASN C 80 7.51 -12.72 31.71
CA ASN C 80 8.81 -12.46 31.10
C ASN C 80 9.51 -11.29 31.76
N GLY C 81 8.76 -10.40 32.39
CA GLY C 81 9.30 -9.21 32.98
C GLY C 81 9.57 -8.09 32.01
N GLY C 82 9.00 -8.14 30.81
CA GLY C 82 9.23 -7.07 29.87
C GLY C 82 8.79 -7.44 28.47
N LEU C 83 8.85 -6.45 27.60
CA LEU C 83 8.51 -6.59 26.20
C LEU C 83 9.29 -5.56 25.40
N ASP C 84 9.94 -6.01 24.33
CA ASP C 84 10.76 -5.13 23.55
C ASP C 84 9.94 -4.17 22.66
N SER C 85 10.59 -3.08 22.27
CA SER C 85 10.02 -2.11 21.37
C SER C 85 9.95 -2.69 19.96
N GLU C 86 9.02 -2.13 19.17
CA GLU C 86 8.95 -2.44 17.75
C GLU C 86 10.27 -2.17 17.07
N GLU C 87 10.89 -1.02 17.37
CA GLU C 87 12.14 -0.65 16.71
C GLU C 87 13.23 -1.68 16.95
N SER C 88 13.34 -2.18 18.19
CA SER C 88 14.39 -3.12 18.52
C SER C 88 14.12 -4.52 18.02
N TYR C 89 12.86 -4.84 17.72
CA TYR C 89 12.44 -6.22 17.46
C TYR C 89 11.31 -6.16 16.45
N PRO C 90 11.61 -5.77 15.23
CA PRO C 90 10.57 -5.45 14.25
C PRO C 90 9.87 -6.70 13.72
N TYR C 91 8.78 -6.46 12.99
CA TYR C 91 7.84 -7.50 12.64
C TYR C 91 8.28 -8.21 11.36
N GLU C 92 8.29 -9.54 11.41
CA GLU C 92 8.73 -10.34 10.27
C GLU C 92 7.61 -11.14 9.60
N ALA C 93 6.41 -11.14 10.17
CA ALA C 93 5.26 -11.83 9.58
C ALA C 93 5.50 -13.33 9.43
N THR C 94 6.40 -13.88 10.23
CA THR C 94 6.62 -15.32 10.28
C THR C 94 7.22 -15.62 11.65
N GLU C 95 6.94 -16.81 12.19
CA GLU C 95 7.38 -17.13 13.54
C GLU C 95 8.80 -17.69 13.53
N GLU C 96 9.61 -17.24 14.49
CA GLU C 96 10.99 -17.69 14.62
C GLU C 96 11.28 -17.91 16.11
N SER C 97 12.52 -18.32 16.40
CA SER C 97 12.92 -18.48 17.78
C SER C 97 12.94 -17.13 18.49
N CYS C 98 12.82 -17.18 19.81
N CYS C 98 12.82 -17.20 19.83
CA CYS C 98 12.70 -15.99 20.63
CA CYS C 98 12.76 -16.01 20.67
C CYS C 98 14.00 -15.22 20.73
C CYS C 98 14.07 -15.24 20.59
N LYS C 99 13.96 -13.93 20.33
CA LYS C 99 15.11 -13.04 20.40
C LYS C 99 14.95 -11.93 21.43
N TYR C 100 14.11 -12.13 22.45
CA TYR C 100 13.90 -11.11 23.45
C TYR C 100 15.21 -10.69 24.09
N ASN C 101 15.38 -9.39 24.25
CA ASN C 101 16.53 -8.82 24.93
C ASN C 101 16.00 -7.89 26.02
N PRO C 102 16.28 -8.16 27.30
CA PRO C 102 15.74 -7.28 28.35
C PRO C 102 16.26 -5.88 28.27
N LYS C 103 17.41 -5.66 27.63
CA LYS C 103 17.96 -4.31 27.58
C LYS C 103 17.10 -3.37 26.73
N TYR C 104 16.28 -3.91 25.83
CA TYR C 104 15.41 -3.09 24.99
C TYR C 104 13.95 -3.23 25.40
N SER C 105 13.69 -3.71 26.60
CA SER C 105 12.32 -3.76 27.08
C SER C 105 11.83 -2.34 27.40
N VAL C 106 10.60 -2.03 26.98
CA VAL C 106 10.02 -0.71 27.19
C VAL C 106 8.62 -0.78 27.78
N ALA C 107 8.13 -1.98 28.11
CA ALA C 107 6.80 -2.13 28.66
C ALA C 107 6.82 -3.27 29.66
N ASN C 108 5.90 -3.22 30.61
CA ASN C 108 5.68 -4.31 31.55
C ASN C 108 4.20 -4.37 31.87
N ASP C 109 3.78 -5.47 32.46
CA ASP C 109 2.46 -5.47 33.08
C ASP C 109 2.45 -6.47 34.22
N ALA C 110 1.43 -6.34 35.05
CA ALA C 110 1.27 -7.12 36.26
C ALA C 110 -0.03 -7.93 36.23
N GLY C 111 -0.44 -8.33 35.04
CA GLY C 111 -1.66 -9.08 34.89
C GLY C 111 -2.58 -8.42 33.88
N PHE C 112 -3.83 -8.82 33.95
CA PHE C 112 -4.79 -8.37 32.96
C PHE C 112 -6.15 -8.42 33.63
N VAL C 113 -7.09 -7.70 33.02
CA VAL C 113 -8.44 -7.55 33.52
C VAL C 113 -9.37 -7.99 32.39
N ASP C 114 -10.22 -8.97 32.67
CA ASP C 114 -11.28 -9.35 31.75
C ASP C 114 -12.57 -8.59 32.06
N ILE C 115 -13.23 -8.13 31.01
CA ILE C 115 -14.46 -7.34 31.14
C ILE C 115 -15.66 -8.25 30.98
N PRO C 116 -16.72 -8.05 31.77
CA PRO C 116 -17.94 -8.84 31.58
C PRO C 116 -18.47 -8.72 30.15
N LYS C 117 -19.22 -9.74 29.75
CA LYS C 117 -19.67 -9.87 28.36
C LYS C 117 -20.93 -9.07 28.09
N GLN C 118 -20.83 -7.77 28.29
CA GLN C 118 -21.91 -6.85 28.01
C GLN C 118 -21.32 -5.58 27.42
N GLU C 119 -22.00 -5.03 26.42
CA GLU C 119 -21.52 -3.82 25.79
C GLU C 119 -21.54 -2.63 26.74
N LYS C 120 -22.39 -2.65 27.76
CA LYS C 120 -22.36 -1.57 28.74
C LYS C 120 -21.07 -1.62 29.56
N ALA C 121 -20.62 -2.82 29.94
CA ALA C 121 -19.35 -2.94 30.65
C ALA C 121 -18.18 -2.54 29.75
N LEU C 122 -18.22 -2.95 28.48
CA LEU C 122 -17.18 -2.50 27.57
C LEU C 122 -17.15 -0.99 27.44
N MET C 123 -18.32 -0.35 27.34
CA MET C 123 -18.33 1.10 27.22
C MET C 123 -17.68 1.74 28.44
N LYS C 124 -18.02 1.26 29.64
CA LYS C 124 -17.42 1.84 30.85
C LYS C 124 -15.91 1.65 30.84
N ALA C 125 -15.43 0.50 30.37
CA ALA C 125 -13.98 0.28 30.33
C ALA C 125 -13.32 1.19 29.31
N VAL C 126 -13.87 1.30 28.10
CA VAL C 126 -13.28 2.23 27.13
C VAL C 126 -13.24 3.64 27.73
N ALA C 127 -14.28 4.04 28.45
CA ALA C 127 -14.35 5.40 28.94
C ALA C 127 -13.32 5.65 30.04
N THR C 128 -13.06 4.65 30.88
CA THR C 128 -12.25 4.88 32.07
C THR C 128 -10.85 4.29 32.03
N VAL C 129 -10.53 3.47 31.03
CA VAL C 129 -9.26 2.73 31.01
C VAL C 129 -8.37 3.20 29.87
N GLY C 130 -8.94 3.36 28.69
CA GLY C 130 -8.17 3.52 27.48
C GLY C 130 -8.57 2.47 26.46
N PRO C 131 -7.76 2.29 25.43
CA PRO C 131 -8.10 1.30 24.40
C PRO C 131 -8.16 -0.10 24.98
N ILE C 132 -9.09 -0.92 24.43
CA ILE C 132 -9.41 -2.24 24.98
C ILE C 132 -9.23 -3.28 23.87
N SER C 133 -8.56 -4.39 24.21
CA SER C 133 -8.46 -5.53 23.29
C SER C 133 -9.80 -6.25 23.21
N VAL C 134 -10.28 -6.52 22.00
CA VAL C 134 -11.53 -7.25 21.83
C VAL C 134 -11.36 -8.26 20.70
N ALA C 135 -12.25 -9.24 20.69
CA ALA C 135 -12.35 -10.21 19.62
C ALA C 135 -13.67 -10.03 18.89
N ILE C 136 -13.63 -10.11 17.56
CA ILE C 136 -14.83 -10.00 16.76
C ILE C 136 -14.91 -11.12 15.74
N ASP C 137 -16.12 -11.34 15.23
CA ASP C 137 -16.33 -12.17 14.05
C ASP C 137 -16.07 -11.30 12.83
N ALA C 138 -14.88 -11.45 12.24
CA ALA C 138 -14.53 -10.74 11.01
C ALA C 138 -14.61 -11.64 9.79
N GLY C 139 -15.20 -12.81 9.92
CA GLY C 139 -15.20 -13.80 8.86
C GLY C 139 -16.30 -13.62 7.82
N HIS C 140 -16.48 -12.40 7.33
CA HIS C 140 -17.46 -12.13 6.29
C HIS C 140 -16.85 -11.20 5.27
N GLU C 141 -17.20 -11.42 4.00
CA GLU C 141 -16.56 -10.63 2.95
C GLU C 141 -16.90 -9.16 3.12
N SER C 142 -18.06 -8.84 3.72
CA SER C 142 -18.39 -7.45 3.95
C SER C 142 -17.35 -6.76 4.82
N PHE C 143 -16.74 -7.51 5.74
CA PHE C 143 -15.65 -6.96 6.53
C PHE C 143 -14.41 -6.77 5.69
N LEU C 144 -14.08 -7.74 4.84
CA LEU C 144 -12.94 -7.57 3.95
C LEU C 144 -13.09 -6.30 3.12
N PHE C 145 -14.31 -6.03 2.66
CA PHE C 145 -14.52 -4.96 1.71
C PHE C 145 -14.88 -3.63 2.35
N TYR C 146 -14.90 -3.56 3.68
CA TYR C 146 -15.35 -2.37 4.36
C TYR C 146 -14.48 -1.18 3.99
N LYS C 147 -15.15 -0.03 3.73
CA LYS C 147 -14.47 1.22 3.38
C LYS C 147 -14.90 2.41 4.24
N GLU C 148 -16.19 2.53 4.55
N GLU C 148 -16.19 2.55 4.52
CA GLU C 148 -16.70 3.69 5.30
CA GLU C 148 -16.68 3.67 5.31
C GLU C 148 -18.03 3.32 5.93
C GLU C 148 -18.01 3.30 5.95
N GLY C 149 -18.33 3.99 7.04
CA GLY C 149 -19.66 3.92 7.62
C GLY C 149 -19.69 3.03 8.84
N ILE C 150 -20.90 2.82 9.35
CA ILE C 150 -21.09 1.94 10.49
C ILE C 150 -21.28 0.52 10.00
N TYR C 151 -20.33 -0.34 10.30
CA TYR C 151 -20.35 -1.73 9.84
C TYR C 151 -21.42 -2.52 10.57
N PHE C 152 -22.32 -3.12 9.80
CA PHE C 152 -23.32 -4.04 10.34
C PHE C 152 -23.49 -5.17 9.35
N GLU C 153 -23.29 -6.39 9.83
CA GLU C 153 -23.35 -7.59 8.99
C GLU C 153 -24.40 -8.53 9.57
N PRO C 154 -25.55 -8.67 8.93
CA PRO C 154 -26.63 -9.49 9.51
C PRO C 154 -26.22 -10.91 9.86
N ASP C 155 -25.22 -11.47 9.17
CA ASP C 155 -24.78 -12.83 9.41
C ASP C 155 -23.73 -12.95 10.52
N CYS C 156 -23.34 -11.85 11.15
CA CYS C 156 -22.29 -11.90 12.17
C CYS C 156 -22.70 -12.74 13.36
N SER C 157 -21.74 -13.43 13.95
CA SER C 157 -21.94 -14.21 15.16
C SER C 157 -21.50 -13.41 16.37
N SER C 158 -22.22 -13.59 17.48
CA SER C 158 -21.87 -12.99 18.76
C SER C 158 -21.13 -13.95 19.69
N GLU C 159 -20.97 -15.20 19.28
CA GLU C 159 -20.31 -16.22 20.09
C GLU C 159 -19.01 -16.73 19.49
N ASP C 160 -18.88 -16.72 18.16
CA ASP C 160 -17.74 -17.29 17.45
C ASP C 160 -16.95 -16.15 16.82
N MET C 161 -15.85 -15.78 17.46
CA MET C 161 -15.01 -14.68 17.00
C MET C 161 -13.70 -15.26 16.49
N ASP C 162 -13.10 -14.58 15.51
CA ASP C 162 -11.90 -15.10 14.86
C ASP C 162 -10.82 -14.05 14.67
N HIS C 163 -11.00 -12.84 15.20
CA HIS C 163 -10.08 -11.75 14.87
C HIS C 163 -9.96 -10.80 16.04
N GLY C 164 -8.74 -10.57 16.52
CA GLY C 164 -8.50 -9.61 17.59
C GLY C 164 -8.23 -8.23 17.03
N VAL C 165 -8.86 -7.23 17.62
CA VAL C 165 -8.71 -5.84 17.18
C VAL C 165 -8.67 -5.00 18.45
N LEU C 166 -8.76 -3.69 18.30
CA LEU C 166 -8.57 -2.75 19.42
C LEU C 166 -9.66 -1.69 19.37
N VAL C 167 -10.45 -1.58 20.44
CA VAL C 167 -11.45 -0.53 20.55
C VAL C 167 -10.76 0.71 21.12
N VAL C 168 -10.75 1.81 20.36
CA VAL C 168 -10.10 3.04 20.79
C VAL C 168 -11.09 4.14 21.12
N GLY C 169 -12.38 3.88 20.99
CA GLY C 169 -13.37 4.80 21.47
C GLY C 169 -14.74 4.37 20.97
N TYR C 170 -15.68 5.30 21.02
CA TYR C 170 -17.04 5.07 20.56
C TYR C 170 -17.71 6.42 20.31
N GLY C 171 -18.84 6.37 19.61
CA GLY C 171 -19.57 7.57 19.32
C GLY C 171 -20.97 7.30 18.87
N PHE C 172 -21.57 8.31 18.28
CA PHE C 172 -23.00 8.25 17.98
C PHE C 172 -23.26 8.95 16.67
N GLU C 173 -24.46 8.70 16.15
CA GLU C 173 -24.87 9.26 14.87
C GLU C 173 -25.31 10.71 15.03
N SER C 174 -26.17 10.97 16.01
CA SER C 174 -26.62 12.32 16.30
C SER C 174 -27.13 12.34 17.73
N THR C 175 -27.17 13.53 18.31
CA THR C 175 -27.79 13.72 19.61
C THR C 175 -29.28 13.39 19.57
N GLU C 176 -29.88 13.36 18.38
CA GLU C 176 -31.33 13.20 18.29
C GLU C 176 -31.78 11.83 18.78
N SER C 177 -31.02 10.78 18.50
CA SER C 177 -31.42 9.45 18.94
C SER C 177 -30.20 8.56 19.16
N ASP C 178 -30.47 7.35 19.62
CA ASP C 178 -29.46 6.33 19.85
C ASP C 178 -29.27 5.43 18.65
N ASN C 179 -29.86 5.79 17.51
CA ASN C 179 -29.67 5.00 16.30
C ASN C 179 -28.21 5.04 15.84
N ASN C 180 -27.70 3.89 15.46
CA ASN C 180 -26.44 3.79 14.73
C ASN C 180 -25.27 4.35 15.54
N LYS C 181 -25.24 4.01 16.82
CA LYS C 181 -24.03 4.21 17.60
C LYS C 181 -22.96 3.24 17.14
N TYR C 182 -21.71 3.54 17.48
CA TYR C 182 -20.61 2.72 16.99
C TYR C 182 -19.44 2.68 17.95
N TRP C 183 -18.68 1.59 17.83
CA TRP C 183 -17.35 1.44 18.40
C TRP C 183 -16.33 1.84 17.35
N LEU C 184 -15.33 2.62 17.77
CA LEU C 184 -14.22 2.99 16.89
C LEU C 184 -13.10 1.96 17.08
N VAL C 185 -12.77 1.21 16.04
CA VAL C 185 -11.95 0.01 16.12
C VAL C 185 -10.74 0.15 15.20
N LYS C 186 -9.54 -0.01 15.78
CA LYS C 186 -8.30 -0.08 15.04
C LYS C 186 -8.05 -1.52 14.63
N ASN C 187 -7.86 -1.75 13.33
CA ASN C 187 -7.55 -3.05 12.77
C ASN C 187 -6.04 -3.11 12.51
N SER C 188 -5.57 -4.25 12.01
CA SER C 188 -4.15 -4.48 11.77
C SER C 188 -3.94 -5.01 10.35
N TRP C 189 -4.69 -4.45 9.41
CA TRP C 189 -4.62 -4.80 8.00
C TRP C 189 -4.09 -3.65 7.17
N GLY C 190 -3.38 -2.71 7.79
CA GLY C 190 -2.83 -1.60 7.06
C GLY C 190 -3.83 -0.49 6.81
N GLU C 191 -3.30 0.61 6.25
CA GLU C 191 -4.02 1.85 6.09
C GLU C 191 -4.98 1.84 4.91
N GLU C 192 -4.80 0.96 3.93
CA GLU C 192 -5.69 0.95 2.80
C GLU C 192 -7.04 0.34 3.15
N TRP C 193 -7.07 -0.63 4.04
CA TRP C 193 -8.32 -1.21 4.47
C TRP C 193 -9.15 -0.20 5.24
N GLY C 194 -10.46 -0.21 5.03
CA GLY C 194 -11.34 0.60 5.85
C GLY C 194 -11.09 2.09 5.76
N MET C 195 -11.30 2.77 6.89
N MET C 195 -11.35 2.77 6.88
CA MET C 195 -11.13 4.21 6.99
CA MET C 195 -11.14 4.22 6.99
C MET C 195 -9.74 4.48 7.55
C MET C 195 -9.74 4.43 7.55
N GLY C 196 -8.74 4.46 6.67
CA GLY C 196 -7.37 4.58 7.12
C GLY C 196 -6.99 3.48 8.08
N GLY C 197 -7.55 2.28 7.92
CA GLY C 197 -7.28 1.18 8.80
C GLY C 197 -8.22 1.01 9.97
N TYR C 198 -9.20 1.91 10.12
CA TYR C 198 -10.19 1.83 11.20
C TYR C 198 -11.54 1.43 10.65
N VAL C 199 -12.41 0.96 11.54
CA VAL C 199 -13.78 0.61 11.22
C VAL C 199 -14.67 1.11 12.35
N LYS C 200 -15.83 1.65 12.00
CA LYS C 200 -16.87 1.93 12.97
C LYS C 200 -17.81 0.72 13.00
N MET C 201 -17.77 -0.03 14.09
N MET C 201 -17.80 -0.01 14.09
CA MET C 201 -18.60 -1.22 14.27
CA MET C 201 -18.62 -1.21 14.20
C MET C 201 -19.87 -0.85 15.02
C MET C 201 -19.85 -0.94 15.06
N ALA C 202 -21.00 -1.43 14.60
CA ALA C 202 -22.26 -1.18 15.27
C ALA C 202 -22.17 -1.47 16.77
N LYS C 203 -22.67 -0.52 17.56
CA LYS C 203 -22.63 -0.54 19.01
C LYS C 203 -24.05 -0.58 19.54
N ASP C 204 -24.26 -1.42 20.55
CA ASP C 204 -25.56 -1.55 21.23
C ASP C 204 -26.61 -2.14 20.31
N ARG C 205 -26.18 -2.98 19.38
CA ARG C 205 -27.08 -3.75 18.53
C ARG C 205 -26.83 -5.23 18.80
N ARG C 206 -27.14 -5.66 20.03
CA ARG C 206 -27.14 -7.07 20.40
C ARG C 206 -25.73 -7.68 20.34
N ASN C 207 -24.74 -6.94 20.86
CA ASN C 207 -23.37 -7.41 20.89
C ASN C 207 -22.91 -7.86 19.50
N HIS C 208 -23.03 -6.94 18.56
CA HIS C 208 -22.83 -7.27 17.16
C HIS C 208 -21.39 -7.74 16.91
N CYS C 209 -21.28 -8.89 16.24
CA CYS C 209 -20.01 -9.54 15.93
C CYS C 209 -19.23 -9.94 17.19
N GLY C 210 -19.89 -9.98 18.33
CA GLY C 210 -19.27 -10.46 19.55
C GLY C 210 -18.26 -9.52 20.17
N ILE C 211 -18.35 -8.24 19.86
CA ILE C 211 -17.30 -7.31 20.25
C ILE C 211 -17.14 -7.22 21.74
N ALA C 212 -18.17 -7.54 22.51
CA ALA C 212 -18.04 -7.49 23.96
C ALA C 212 -17.82 -8.86 24.59
N SER C 213 -17.64 -9.93 23.79
CA SER C 213 -17.62 -11.27 24.33
C SER C 213 -16.26 -11.70 24.88
N ALA C 214 -15.18 -11.03 24.49
CA ALA C 214 -13.84 -11.44 24.91
C ALA C 214 -12.94 -10.20 24.98
N ALA C 215 -13.31 -9.24 25.83
CA ALA C 215 -12.64 -7.96 25.92
C ALA C 215 -11.77 -7.92 27.18
N SER C 216 -10.61 -7.29 27.08
CA SER C 216 -9.69 -7.29 28.21
C SER C 216 -8.66 -6.19 28.00
N TYR C 217 -7.92 -5.88 29.08
CA TYR C 217 -6.81 -4.96 28.97
C TYR C 217 -5.74 -5.36 29.99
N PRO C 218 -4.49 -4.98 29.75
CA PRO C 218 -3.43 -5.27 30.72
C PRO C 218 -3.39 -4.30 31.89
N THR C 219 -2.95 -4.82 33.02
CA THR C 219 -2.75 -4.04 34.23
C THR C 219 -1.32 -3.51 34.24
N VAL C 220 -1.17 -2.20 34.20
CA VAL C 220 0.16 -1.60 34.19
C VAL C 220 0.32 -0.80 35.47
N ALA D 1 -7.21 -0.99 -32.97
CA ALA D 1 -8.41 -0.87 -32.11
C ALA D 1 -8.70 0.60 -31.81
N PRO D 2 -9.88 0.89 -31.27
CA PRO D 2 -10.13 2.24 -30.74
C PRO D 2 -9.25 2.52 -29.53
N ARG D 3 -9.15 3.79 -29.18
CA ARG D 3 -8.36 4.16 -28.01
C ARG D 3 -9.01 3.70 -26.71
N SER D 4 -10.34 3.59 -26.69
CA SER D 4 -11.03 3.07 -25.53
C SER D 4 -12.32 2.38 -25.95
N VAL D 5 -12.78 1.51 -25.08
CA VAL D 5 -13.96 0.67 -25.29
C VAL D 5 -14.65 0.53 -23.95
N ASP D 6 -15.98 0.60 -23.96
CA ASP D 6 -16.81 0.26 -22.79
C ASP D 6 -18.12 -0.37 -23.29
N TRP D 7 -18.18 -1.70 -23.28
CA TRP D 7 -19.35 -2.42 -23.76
C TRP D 7 -20.57 -2.21 -22.88
N ARG D 8 -20.40 -1.72 -21.65
CA ARG D 8 -21.56 -1.41 -20.84
C ARG D 8 -22.48 -0.40 -21.51
N GLU D 9 -21.89 0.60 -22.20
CA GLU D 9 -22.68 1.67 -22.81
C GLU D 9 -23.45 1.16 -24.03
N LYS D 10 -23.07 0.00 -24.54
CA LYS D 10 -23.72 -0.56 -25.71
C LYS D 10 -24.77 -1.60 -25.38
N GLY D 11 -25.02 -1.87 -24.11
CA GLY D 11 -26.04 -2.81 -23.71
C GLY D 11 -25.62 -4.26 -23.57
N TYR D 12 -24.33 -4.54 -23.56
CA TYR D 12 -23.80 -5.90 -23.59
C TYR D 12 -23.63 -6.53 -22.20
N VAL D 13 -23.79 -5.76 -21.12
CA VAL D 13 -23.32 -6.19 -19.82
C VAL D 13 -24.42 -6.08 -18.77
N THR D 14 -24.64 -7.16 -18.02
CA THR D 14 -25.64 -7.19 -16.94
C THR D 14 -25.04 -6.53 -15.70
N PRO D 15 -25.85 -6.24 -14.69
CA PRO D 15 -25.30 -5.73 -13.42
C PRO D 15 -24.33 -6.71 -12.75
N VAL D 16 -23.52 -6.14 -11.86
CA VAL D 16 -22.60 -6.92 -11.07
C VAL D 16 -23.34 -7.91 -10.18
N LYS D 17 -22.85 -9.13 -10.16
CA LYS D 17 -23.38 -10.21 -9.35
C LYS D 17 -22.41 -10.53 -8.22
N ASN D 18 -22.80 -11.48 -7.37
CA ASN D 18 -21.98 -11.88 -6.23
C ASN D 18 -22.00 -13.40 -6.10
N GLN D 19 -20.84 -14.03 -6.29
CA GLN D 19 -20.67 -15.47 -6.18
C GLN D 19 -20.73 -15.98 -4.75
N GLY D 20 -20.73 -15.09 -3.77
CA GLY D 20 -20.73 -15.58 -2.40
C GLY D 20 -19.44 -16.32 -2.06
N GLN D 21 -19.55 -17.26 -1.12
CA GLN D 21 -18.41 -18.05 -0.66
C GLN D 21 -18.26 -19.37 -1.42
N CYS D 22 -18.57 -19.37 -2.70
CA CYS D 22 -18.48 -20.52 -3.58
C CYS D 22 -17.38 -20.22 -4.58
N GLY D 23 -16.52 -21.21 -4.86
CA GLY D 23 -15.46 -21.02 -5.83
C GLY D 23 -15.97 -21.11 -7.26
N SER D 24 -16.90 -20.24 -7.62
CA SER D 24 -17.61 -20.31 -8.89
C SER D 24 -17.29 -19.14 -9.82
N CYS D 25 -16.16 -18.48 -9.62
CA CYS D 25 -15.82 -17.33 -10.46
C CYS D 25 -15.90 -17.69 -11.93
N TRP D 26 -15.51 -18.91 -12.27
CA TRP D 26 -15.47 -19.36 -13.67
C TRP D 26 -16.84 -19.32 -14.29
N ALA D 27 -17.85 -19.59 -13.51
CA ALA D 27 -19.21 -19.60 -14.02
C ALA D 27 -19.71 -18.18 -14.27
N PHE D 28 -19.37 -17.25 -13.38
CA PHE D 28 -19.72 -15.86 -13.57
C PHE D 28 -18.98 -15.24 -14.75
N SER D 29 -17.69 -15.51 -14.88
CA SER D 29 -16.96 -15.08 -16.06
C SER D 29 -17.61 -15.61 -17.34
N ALA D 30 -18.01 -16.87 -17.34
CA ALA D 30 -18.57 -17.50 -18.54
C ALA D 30 -19.93 -16.94 -18.89
N THR D 31 -20.84 -16.81 -17.91
CA THR D 31 -22.13 -16.20 -18.20
C THR D 31 -21.98 -14.76 -18.70
N GLY D 32 -21.04 -14.00 -18.15
CA GLY D 32 -20.82 -12.64 -18.63
C GLY D 32 -20.42 -12.60 -20.10
N ALA D 33 -19.51 -13.49 -20.51
CA ALA D 33 -19.10 -13.52 -21.92
C ALA D 33 -20.24 -13.98 -22.80
N LEU D 34 -21.02 -14.96 -22.35
CA LEU D 34 -22.14 -15.46 -23.15
C LEU D 34 -23.29 -14.45 -23.19
N GLU D 35 -23.50 -13.70 -22.12
CA GLU D 35 -24.51 -12.64 -22.14
C GLU D 35 -24.17 -11.61 -23.23
N GLY D 36 -22.90 -11.20 -23.32
CA GLY D 36 -22.50 -10.27 -24.35
C GLY D 36 -22.68 -10.81 -25.76
N GLN D 37 -22.32 -12.06 -25.98
CA GLN D 37 -22.39 -12.64 -27.33
C GLN D 37 -23.84 -12.89 -27.74
N MET D 38 -24.68 -13.33 -26.81
CA MET D 38 -26.10 -13.45 -27.12
C MET D 38 -26.71 -12.08 -27.42
N PHE D 39 -26.27 -11.03 -26.72
CA PHE D 39 -26.78 -9.70 -27.04
C PHE D 39 -26.34 -9.29 -28.43
N ARG D 40 -25.08 -9.55 -28.78
CA ARG D 40 -24.60 -9.21 -30.13
C ARG D 40 -25.43 -9.92 -31.19
N LYS D 41 -25.90 -11.13 -30.89
CA LYS D 41 -26.60 -11.91 -31.90
C LYS D 41 -28.07 -11.54 -32.01
N THR D 42 -28.74 -11.25 -30.87
CA THR D 42 -30.17 -11.06 -30.84
C THR D 42 -30.62 -9.64 -30.50
N GLY D 43 -29.74 -8.81 -29.95
CA GLY D 43 -30.15 -7.51 -29.45
C GLY D 43 -30.86 -7.53 -28.12
N ARG D 44 -30.90 -8.66 -27.44
CA ARG D 44 -31.57 -8.78 -26.16
C ARG D 44 -30.58 -9.27 -25.10
N LEU D 45 -30.47 -8.51 -24.02
CA LEU D 45 -29.62 -8.85 -22.89
C LEU D 45 -30.42 -9.61 -21.86
N ILE D 46 -30.03 -10.84 -21.57
CA ILE D 46 -30.72 -11.69 -20.60
C ILE D 46 -29.68 -12.30 -19.67
N SER D 47 -29.84 -12.07 -18.37
CA SER D 47 -28.95 -12.65 -17.38
C SER D 47 -29.07 -14.17 -17.33
N LEU D 48 -27.93 -14.83 -17.34
CA LEU D 48 -27.84 -16.28 -17.43
C LEU D 48 -27.47 -16.92 -16.09
N SER D 49 -27.79 -18.21 -15.98
CA SER D 49 -27.72 -18.95 -14.75
C SER D 49 -26.30 -19.48 -14.50
N GLU D 50 -25.64 -18.89 -13.52
CA GLU D 50 -24.40 -19.49 -13.03
C GLU D 50 -24.67 -20.81 -12.34
N GLN D 51 -25.80 -20.92 -11.62
CA GLN D 51 -26.10 -22.16 -10.91
C GLN D 51 -26.24 -23.32 -11.88
N ASN D 52 -26.84 -23.08 -13.06
CA ASN D 52 -26.93 -24.09 -14.10
C ASN D 52 -25.53 -24.63 -14.44
N LEU D 53 -24.56 -23.73 -14.57
CA LEU D 53 -23.19 -24.16 -14.86
C LEU D 53 -22.58 -24.91 -13.69
N VAL D 54 -22.73 -24.39 -12.47
CA VAL D 54 -22.15 -25.03 -11.29
C VAL D 54 -22.68 -26.45 -11.11
N ASP D 55 -24.00 -26.65 -11.34
CA ASP D 55 -24.66 -27.93 -11.09
C ASP D 55 -24.43 -28.95 -12.20
N CYS D 56 -24.30 -28.50 -13.44
CA CYS D 56 -24.46 -29.36 -14.58
C CYS D 56 -23.21 -29.59 -15.42
N SER D 57 -22.15 -28.80 -15.26
CA SER D 57 -21.05 -28.87 -16.22
C SER D 57 -19.85 -29.68 -15.71
N GLY D 58 -20.04 -30.54 -14.70
CA GLY D 58 -19.02 -31.49 -14.33
C GLY D 58 -18.50 -32.38 -15.44
N PRO D 59 -19.35 -32.91 -16.30
CA PRO D 59 -18.85 -33.83 -17.34
C PRO D 59 -17.85 -33.18 -18.28
N GLN D 60 -17.89 -31.86 -18.42
CA GLN D 60 -16.94 -31.12 -19.24
C GLN D 60 -15.66 -30.79 -18.47
N GLY D 61 -15.59 -31.07 -17.18
CA GLY D 61 -14.37 -30.87 -16.38
C GLY D 61 -14.50 -29.89 -15.25
N ASN D 62 -15.64 -29.23 -15.07
CA ASN D 62 -15.79 -28.29 -13.97
C ASN D 62 -16.09 -29.03 -12.67
N GLU D 63 -15.80 -28.37 -11.55
CA GLU D 63 -15.92 -28.97 -10.23
C GLU D 63 -16.75 -28.08 -9.29
N GLY D 64 -17.79 -27.45 -9.82
CA GLY D 64 -18.73 -26.75 -8.95
C GLY D 64 -18.07 -25.62 -8.18
N CYS D 65 -18.28 -25.62 -6.88
CA CYS D 65 -17.69 -24.59 -6.03
C CYS D 65 -16.23 -24.84 -5.74
N ASN D 66 -15.67 -25.91 -6.29
CA ASN D 66 -14.27 -26.24 -6.10
C ASN D 66 -13.41 -25.78 -7.26
N GLY D 67 -13.96 -25.06 -8.21
CA GLY D 67 -13.19 -24.53 -9.32
C GLY D 67 -13.71 -25.02 -10.65
N GLY D 68 -13.19 -24.40 -11.70
CA GLY D 68 -13.63 -24.72 -13.06
C GLY D 68 -12.95 -23.80 -14.04
N LEU D 69 -13.36 -23.90 -15.30
CA LEU D 69 -12.77 -23.12 -16.37
C LEU D 69 -13.88 -22.60 -17.25
N MET D 70 -13.71 -21.38 -17.76
CA MET D 70 -14.71 -20.79 -18.63
C MET D 70 -14.89 -21.63 -19.90
N ASP D 71 -13.79 -22.14 -20.46
CA ASP D 71 -13.94 -22.91 -21.69
C ASP D 71 -14.76 -24.17 -21.47
N TYR D 72 -14.62 -24.81 -20.29
CA TYR D 72 -15.43 -25.97 -19.98
C TYR D 72 -16.90 -25.58 -19.88
N ALA D 73 -17.16 -24.38 -19.37
CA ALA D 73 -18.54 -23.91 -19.34
C ALA D 73 -19.07 -23.69 -20.75
N PHE D 74 -18.26 -23.09 -21.62
CA PHE D 74 -18.72 -22.90 -23.00
C PHE D 74 -18.97 -24.24 -23.68
N GLN D 75 -18.16 -25.25 -23.34
CA GLN D 75 -18.32 -26.59 -23.91
C GLN D 75 -19.60 -27.25 -23.42
N TYR D 76 -19.93 -27.05 -22.15
CA TYR D 76 -21.19 -27.56 -21.63
C TYR D 76 -22.38 -26.99 -22.39
N VAL D 77 -22.39 -25.67 -22.60
CA VAL D 77 -23.52 -25.05 -23.30
C VAL D 77 -23.65 -25.64 -24.69
N GLN D 78 -22.54 -25.84 -25.39
CA GLN D 78 -22.58 -26.49 -26.71
C GLN D 78 -23.09 -27.92 -26.59
N ASP D 79 -22.50 -28.71 -25.68
CA ASP D 79 -22.89 -30.10 -25.52
C ASP D 79 -24.37 -30.22 -25.14
N ASN D 80 -24.83 -29.34 -24.25
CA ASN D 80 -26.15 -29.41 -23.67
C ASN D 80 -27.20 -28.85 -24.59
N GLY D 81 -26.80 -28.03 -25.54
CA GLY D 81 -27.77 -27.36 -26.39
C GLY D 81 -28.51 -26.23 -25.72
N GLY D 82 -27.97 -25.65 -24.66
CA GLY D 82 -28.70 -24.59 -23.99
C GLY D 82 -28.14 -24.25 -22.63
N LEU D 83 -28.64 -23.11 -22.11
CA LEU D 83 -28.33 -22.63 -20.77
C LEU D 83 -29.56 -21.83 -20.29
N ASP D 84 -30.02 -22.13 -19.09
CA ASP D 84 -31.18 -21.45 -18.54
C ASP D 84 -30.88 -20.00 -18.12
N SER D 85 -31.95 -19.21 -18.04
CA SER D 85 -31.84 -17.84 -17.56
C SER D 85 -31.61 -17.83 -16.05
N GLU D 86 -30.96 -16.76 -15.58
CA GLU D 86 -30.84 -16.50 -14.16
C GLU D 86 -32.18 -16.56 -13.44
N GLU D 87 -33.21 -15.97 -14.03
CA GLU D 87 -34.52 -15.89 -13.37
C GLU D 87 -35.11 -17.28 -13.15
N SER D 88 -34.96 -18.17 -14.13
CA SER D 88 -35.54 -19.50 -14.02
C SER D 88 -34.71 -20.45 -13.16
N TYR D 89 -33.42 -20.15 -12.97
CA TYR D 89 -32.50 -21.08 -12.32
C TYR D 89 -31.57 -20.25 -11.45
N PRO D 90 -32.09 -19.71 -10.34
CA PRO D 90 -31.35 -18.70 -9.58
C PRO D 90 -30.15 -19.28 -8.85
N TYR D 91 -29.26 -18.37 -8.47
CA TYR D 91 -27.98 -18.72 -7.86
C TYR D 91 -28.13 -18.98 -6.38
N GLU D 92 -27.62 -20.13 -5.92
CA GLU D 92 -27.71 -20.53 -4.51
C GLU D 92 -26.37 -20.61 -3.80
N ALA D 93 -25.27 -20.40 -4.51
CA ALA D 93 -23.92 -20.40 -3.91
C ALA D 93 -23.57 -21.71 -3.23
N THR D 94 -24.11 -22.82 -3.71
CA THR D 94 -23.75 -24.13 -3.21
C THR D 94 -24.06 -25.12 -4.32
N GLU D 95 -23.29 -26.19 -4.39
CA GLU D 95 -23.46 -27.13 -5.50
C GLU D 95 -24.65 -28.04 -5.21
N GLU D 96 -25.49 -28.25 -6.22
CA GLU D 96 -26.66 -29.11 -6.13
C GLU D 96 -26.74 -29.92 -7.41
N SER D 97 -27.66 -30.88 -7.45
CA SER D 97 -27.81 -31.68 -8.65
C SER D 97 -28.36 -30.82 -9.79
N CYS D 98 -28.17 -31.30 -11.01
N CYS D 98 -28.17 -31.31 -11.01
CA CYS D 98 -28.54 -30.55 -12.20
CA CYS D 98 -28.57 -30.60 -12.21
C CYS D 98 -30.06 -30.50 -12.35
C CYS D 98 -30.09 -30.50 -12.28
N LYS D 99 -30.60 -29.28 -12.52
CA LYS D 99 -32.03 -29.09 -12.76
C LYS D 99 -32.28 -28.32 -14.05
N TYR D 100 -31.40 -28.48 -15.04
CA TYR D 100 -31.57 -27.81 -16.32
C TYR D 100 -32.94 -28.13 -16.91
N ASN D 101 -33.58 -27.10 -17.44
CA ASN D 101 -34.89 -27.25 -18.10
C ASN D 101 -34.80 -26.57 -19.45
N PRO D 102 -34.85 -27.32 -20.56
CA PRO D 102 -34.71 -26.70 -21.88
C PRO D 102 -35.82 -25.70 -22.18
N LYS D 103 -36.96 -25.79 -21.49
CA LYS D 103 -38.03 -24.81 -21.69
C LYS D 103 -37.58 -23.39 -21.37
N TYR D 104 -36.65 -23.24 -20.44
CA TYR D 104 -36.19 -21.94 -19.98
C TYR D 104 -34.80 -21.60 -20.51
N SER D 105 -34.36 -22.29 -21.56
CA SER D 105 -33.07 -21.99 -22.15
C SER D 105 -33.17 -20.69 -22.94
N VAL D 106 -32.22 -19.78 -22.74
CA VAL D 106 -32.18 -18.50 -23.44
C VAL D 106 -30.86 -18.25 -24.14
N ALA D 107 -29.92 -19.19 -24.07
CA ALA D 107 -28.63 -19.04 -24.73
C ALA D 107 -28.16 -20.36 -25.31
N ASN D 108 -27.28 -20.27 -26.30
CA ASN D 108 -26.59 -21.42 -26.85
C ASN D 108 -25.23 -20.97 -27.37
N ASP D 109 -24.33 -21.93 -27.60
CA ASP D 109 -23.10 -21.60 -28.30
C ASP D 109 -22.59 -22.83 -29.03
N ALA D 110 -21.70 -22.59 -29.98
CA ALA D 110 -21.17 -23.66 -30.83
C ALA D 110 -19.69 -23.90 -30.57
N GLY D 111 -19.20 -23.51 -29.41
CA GLY D 111 -17.81 -23.69 -29.09
C GLY D 111 -17.25 -22.40 -28.54
N PHE D 112 -15.92 -22.25 -28.69
CA PHE D 112 -15.25 -21.10 -28.10
C PHE D 112 -13.97 -20.84 -28.87
N VAL D 113 -13.45 -19.63 -28.67
CA VAL D 113 -12.21 -19.15 -29.27
C VAL D 113 -11.29 -18.75 -28.14
N ASP D 114 -10.10 -19.37 -28.09
CA ASP D 114 -9.05 -18.97 -27.18
C ASP D 114 -8.21 -17.88 -27.85
N ILE D 115 -7.99 -16.78 -27.14
CA ILE D 115 -7.25 -15.64 -27.71
C ILE D 115 -5.76 -15.84 -27.51
N PRO D 116 -4.93 -15.54 -28.50
CA PRO D 116 -3.47 -15.64 -28.30
C PRO D 116 -3.04 -14.89 -27.03
N LYS D 117 -1.97 -15.38 -26.41
CA LYS D 117 -1.62 -14.95 -25.06
C LYS D 117 -0.78 -13.67 -25.06
N GLN D 118 -1.41 -12.61 -25.55
CA GLN D 118 -0.75 -11.30 -25.62
C GLN D 118 -1.81 -10.21 -25.52
N GLU D 119 -1.43 -9.08 -24.92
CA GLU D 119 -2.40 -8.03 -24.69
C GLU D 119 -2.85 -7.31 -25.96
N LYS D 120 -2.02 -7.32 -27.01
CA LYS D 120 -2.45 -6.73 -28.28
C LYS D 120 -3.61 -7.53 -28.87
N ALA D 121 -3.51 -8.87 -28.81
CA ALA D 121 -4.60 -9.73 -29.28
C ALA D 121 -5.82 -9.62 -28.40
N LEU D 122 -5.61 -9.52 -27.08
CA LEU D 122 -6.74 -9.29 -26.17
C LEU D 122 -7.46 -7.99 -26.53
N MET D 123 -6.70 -6.92 -26.82
CA MET D 123 -7.34 -5.65 -27.12
C MET D 123 -8.16 -5.78 -28.40
N LYS D 124 -7.59 -6.41 -29.42
CA LYS D 124 -8.31 -6.59 -30.67
C LYS D 124 -9.61 -7.35 -30.44
N ALA D 125 -9.57 -8.40 -29.61
CA ALA D 125 -10.77 -9.18 -29.37
C ALA D 125 -11.80 -8.36 -28.60
N VAL D 126 -11.36 -7.61 -27.59
CA VAL D 126 -12.32 -6.81 -26.86
C VAL D 126 -12.97 -5.79 -27.79
N ALA D 127 -12.19 -5.18 -28.69
CA ALA D 127 -12.74 -4.15 -29.55
C ALA D 127 -13.69 -4.74 -30.60
N THR D 128 -13.43 -5.96 -31.05
CA THR D 128 -14.17 -6.48 -32.19
C THR D 128 -15.24 -7.51 -31.83
N VAL D 129 -15.19 -8.11 -30.67
CA VAL D 129 -16.06 -9.22 -30.30
C VAL D 129 -17.08 -8.79 -29.24
N GLY D 130 -16.62 -8.20 -28.16
CA GLY D 130 -17.44 -7.94 -27.01
C GLY D 130 -16.69 -8.26 -25.73
N PRO D 131 -17.39 -8.32 -24.60
CA PRO D 131 -16.72 -8.75 -23.35
C PRO D 131 -16.06 -10.11 -23.47
N ILE D 132 -14.91 -10.28 -22.78
CA ILE D 132 -14.03 -11.41 -22.95
C ILE D 132 -13.75 -12.02 -21.57
N SER D 133 -13.89 -13.35 -21.48
CA SER D 133 -13.58 -14.05 -20.24
C SER D 133 -12.06 -14.14 -20.06
N VAL D 134 -11.59 -13.77 -18.87
CA VAL D 134 -10.16 -13.81 -18.60
C VAL D 134 -9.90 -14.40 -17.21
N ALA D 135 -8.69 -14.88 -17.03
CA ALA D 135 -8.19 -15.37 -15.74
C ALA D 135 -7.10 -14.43 -15.24
N ILE D 136 -7.15 -14.08 -13.95
CA ILE D 136 -6.16 -13.19 -13.36
C ILE D 136 -5.65 -13.75 -12.04
N ASP D 137 -4.45 -13.30 -11.65
CA ASP D 137 -3.93 -13.52 -10.30
C ASP D 137 -4.56 -12.46 -9.39
N ALA D 138 -5.57 -12.86 -8.63
CA ALA D 138 -6.24 -11.99 -7.67
C ALA D 138 -5.86 -12.29 -6.24
N GLY D 139 -4.82 -13.12 -6.03
CA GLY D 139 -4.50 -13.65 -4.72
C GLY D 139 -3.62 -12.73 -3.90
N HIS D 140 -4.02 -11.47 -3.76
CA HIS D 140 -3.27 -10.51 -2.97
C HIS D 140 -4.24 -9.62 -2.20
N GLU D 141 -3.84 -9.27 -0.99
CA GLU D 141 -4.70 -8.43 -0.17
C GLU D 141 -4.99 -7.12 -0.86
N SER D 142 -4.05 -6.59 -1.66
CA SER D 142 -4.31 -5.36 -2.39
C SER D 142 -5.53 -5.50 -3.31
N PHE D 143 -5.72 -6.67 -3.89
CA PHE D 143 -6.91 -6.86 -4.73
C PHE D 143 -8.17 -6.87 -3.89
N LEU D 144 -8.12 -7.53 -2.73
CA LEU D 144 -9.27 -7.54 -1.84
C LEU D 144 -9.68 -6.12 -1.45
N PHE D 145 -8.71 -5.25 -1.20
CA PHE D 145 -8.96 -3.95 -0.61
C PHE D 145 -9.06 -2.86 -1.69
N TYR D 146 -9.01 -3.23 -2.96
CA TYR D 146 -9.02 -2.27 -4.04
C TYR D 146 -10.24 -1.34 -3.99
N LYS D 147 -9.99 -0.03 -4.14
CA LYS D 147 -11.05 0.97 -4.11
C LYS D 147 -11.22 1.70 -5.43
N GLU D 148 -10.16 2.28 -5.99
N GLU D 148 -10.14 2.23 -6.01
CA GLU D 148 -10.22 2.92 -7.30
CA GLU D 148 -10.20 3.03 -7.22
C GLU D 148 -8.84 2.93 -7.93
C GLU D 148 -8.81 3.05 -7.87
N GLY D 149 -8.77 3.52 -9.12
CA GLY D 149 -7.51 3.71 -9.79
C GLY D 149 -7.13 2.47 -10.58
N ILE D 150 -5.94 2.51 -11.13
CA ILE D 150 -5.46 1.41 -11.97
C ILE D 150 -4.68 0.47 -11.08
N TYR D 151 -5.15 -0.77 -10.97
CA TYR D 151 -4.57 -1.78 -10.09
C TYR D 151 -3.25 -2.25 -10.66
N PHE D 152 -2.20 -2.18 -9.86
CA PHE D 152 -0.87 -2.68 -10.19
C PHE D 152 -0.28 -3.25 -8.92
N GLU D 153 0.01 -4.54 -8.95
CA GLU D 153 0.52 -5.27 -7.77
C GLU D 153 1.89 -5.82 -8.13
N PRO D 154 2.96 -5.33 -7.50
CA PRO D 154 4.31 -5.83 -7.85
C PRO D 154 4.45 -7.34 -7.82
N ASP D 155 3.73 -8.03 -6.95
CA ASP D 155 3.88 -9.46 -6.81
C ASP D 155 2.90 -10.25 -7.69
N CYS D 156 2.23 -9.60 -8.62
CA CYS D 156 1.31 -10.31 -9.51
C CYS D 156 2.05 -11.26 -10.46
N SER D 157 1.47 -12.44 -10.65
CA SER D 157 2.01 -13.44 -11.53
C SER D 157 1.26 -13.45 -12.86
N SER D 158 2.00 -13.68 -13.95
N SER D 158 1.99 -13.67 -13.95
CA SER D 158 1.40 -13.85 -15.27
CA SER D 158 1.35 -13.84 -15.26
C SER D 158 1.13 -15.30 -15.60
C SER D 158 1.13 -15.31 -15.61
N GLU D 159 1.49 -16.22 -14.72
CA GLU D 159 1.35 -17.65 -14.95
C GLU D 159 0.35 -18.34 -14.04
N ASP D 160 0.24 -17.89 -12.79
CA ASP D 160 -0.55 -18.59 -11.77
C ASP D 160 -1.79 -17.74 -11.47
N MET D 161 -2.76 -17.78 -12.37
CA MET D 161 -4.02 -17.08 -12.19
C MET D 161 -4.99 -17.95 -11.39
N ASP D 162 -5.80 -17.30 -10.56
CA ASP D 162 -6.68 -18.03 -9.65
C ASP D 162 -8.12 -17.53 -9.67
N HIS D 163 -8.48 -16.61 -10.57
CA HIS D 163 -9.77 -15.93 -10.50
C HIS D 163 -10.24 -15.56 -11.89
N GLY D 164 -11.39 -16.07 -12.29
CA GLY D 164 -11.94 -15.71 -13.58
C GLY D 164 -12.83 -14.48 -13.48
N VAL D 165 -12.68 -13.59 -14.45
CA VAL D 165 -13.38 -12.31 -14.47
C VAL D 165 -13.71 -11.98 -15.92
N LEU D 166 -14.23 -10.78 -16.15
CA LEU D 166 -14.74 -10.40 -17.47
C LEU D 166 -14.19 -9.04 -17.86
N VAL D 167 -13.49 -8.98 -18.98
CA VAL D 167 -13.04 -7.71 -19.53
C VAL D 167 -14.16 -7.12 -20.37
N VAL D 168 -14.64 -5.95 -19.97
CA VAL D 168 -15.72 -5.28 -20.70
C VAL D 168 -15.24 -4.06 -21.45
N GLY D 169 -13.96 -3.72 -21.35
CA GLY D 169 -13.44 -2.59 -22.08
C GLY D 169 -12.01 -2.28 -21.67
N TYR D 170 -11.54 -1.14 -22.11
CA TYR D 170 -10.21 -0.66 -21.79
C TYR D 170 -10.17 0.82 -22.05
N GLY D 171 -9.13 1.46 -21.57
CA GLY D 171 -8.92 2.86 -21.86
C GLY D 171 -7.70 3.42 -21.17
N PHE D 172 -7.73 4.72 -20.88
CA PHE D 172 -6.58 5.37 -20.26
C PHE D 172 -7.05 6.51 -19.37
N GLU D 173 -6.27 6.78 -18.34
CA GLU D 173 -6.41 7.90 -17.43
C GLU D 173 -5.31 8.91 -17.71
N SER D 174 -5.52 10.14 -17.26
CA SER D 174 -4.54 11.19 -17.44
C SER D 174 -4.42 11.54 -18.91
N THR D 175 -3.35 12.25 -19.26
CA THR D 175 -3.09 12.55 -20.66
C THR D 175 -2.61 11.27 -21.34
N GLU D 176 -2.99 11.11 -22.61
CA GLU D 176 -2.73 9.86 -23.31
C GLU D 176 -1.24 9.53 -23.34
N SER D 177 -0.39 10.54 -23.52
CA SER D 177 1.04 10.28 -23.70
C SER D 177 1.70 9.71 -22.45
N ASP D 178 1.02 9.70 -21.30
CA ASP D 178 1.54 9.06 -20.10
C ASP D 178 1.44 7.54 -20.15
N ASN D 179 0.69 6.99 -21.10
CA ASN D 179 0.51 5.52 -21.20
C ASN D 179 0.02 4.95 -19.88
N ASN D 180 -0.94 5.65 -19.28
CA ASN D 180 -1.61 5.22 -18.06
C ASN D 180 -2.89 4.46 -18.46
N LYS D 181 -2.68 3.24 -18.93
CA LYS D 181 -3.71 2.45 -19.57
C LYS D 181 -4.25 1.37 -18.65
N TYR D 182 -5.50 0.98 -18.88
CA TYR D 182 -6.12 -0.03 -18.06
C TYR D 182 -7.10 -0.88 -18.86
N TRP D 183 -7.32 -2.09 -18.34
CA TRP D 183 -8.42 -2.94 -18.69
C TRP D 183 -9.57 -2.68 -17.72
N LEU D 184 -10.77 -2.59 -18.25
CA LEU D 184 -11.98 -2.46 -17.41
C LEU D 184 -12.59 -3.83 -17.17
N VAL D 185 -12.62 -4.26 -15.91
CA VAL D 185 -12.87 -5.63 -15.52
C VAL D 185 -14.06 -5.67 -14.57
N LYS D 186 -15.03 -6.52 -14.91
CA LYS D 186 -16.20 -6.79 -14.08
C LYS D 186 -15.88 -8.01 -13.22
N ASN D 187 -16.02 -7.85 -11.89
CA ASN D 187 -15.79 -8.91 -10.94
C ASN D 187 -17.16 -9.45 -10.50
N SER D 188 -17.13 -10.49 -9.66
CA SER D 188 -18.31 -11.18 -9.18
C SER D 188 -18.30 -11.26 -7.66
N TRP D 189 -17.88 -10.17 -7.02
CA TRP D 189 -17.87 -10.05 -5.57
C TRP D 189 -18.86 -8.99 -5.08
N GLY D 190 -19.87 -8.65 -5.89
CA GLY D 190 -20.86 -7.67 -5.48
C GLY D 190 -20.38 -6.24 -5.73
N GLU D 191 -21.32 -5.30 -5.57
CA GLU D 191 -21.03 -3.92 -5.95
C GLU D 191 -20.32 -3.15 -4.85
N GLU D 192 -20.21 -3.73 -3.65
CA GLU D 192 -19.49 -3.11 -2.55
C GLU D 192 -17.98 -3.29 -2.66
N TRP D 193 -17.54 -4.24 -3.46
CA TRP D 193 -16.12 -4.40 -3.74
C TRP D 193 -15.69 -3.44 -4.83
N GLY D 194 -14.47 -2.91 -4.68
CA GLY D 194 -13.91 -2.12 -5.76
C GLY D 194 -14.76 -0.91 -6.12
N MET D 195 -14.82 -0.62 -7.42
N MET D 195 -14.86 -0.64 -7.42
CA MET D 195 -15.54 0.53 -7.96
CA MET D 195 -15.55 0.54 -7.94
C MET D 195 -16.88 0.02 -8.47
C MET D 195 -16.90 0.10 -8.48
N GLY D 196 -17.86 -0.04 -7.57
CA GLY D 196 -19.14 -0.58 -7.92
C GLY D 196 -19.05 -2.01 -8.44
N GLY D 197 -18.03 -2.74 -7.99
CA GLY D 197 -17.83 -4.11 -8.43
C GLY D 197 -16.88 -4.28 -9.56
N TYR D 198 -16.37 -3.20 -10.11
CA TYR D 198 -15.43 -3.19 -11.22
C TYR D 198 -14.03 -2.83 -10.72
N VAL D 199 -13.04 -3.18 -11.54
CA VAL D 199 -11.64 -2.86 -11.26
C VAL D 199 -11.01 -2.46 -12.58
N LYS D 200 -10.16 -1.45 -12.54
CA LYS D 200 -9.29 -1.07 -13.65
C LYS D 200 -7.95 -1.74 -13.42
N MET D 201 -7.54 -2.60 -14.34
N MET D 201 -7.55 -2.63 -14.33
CA MET D 201 -6.33 -3.38 -14.20
CA MET D 201 -6.33 -3.40 -14.21
C MET D 201 -5.25 -2.90 -15.16
C MET D 201 -5.26 -2.88 -15.15
N ALA D 202 -4.01 -2.88 -14.68
CA ALA D 202 -2.90 -2.36 -15.45
C ALA D 202 -2.82 -3.02 -16.82
N LYS D 203 -2.69 -2.20 -17.85
CA LYS D 203 -2.67 -2.65 -19.24
C LYS D 203 -1.34 -2.29 -19.90
N ASP D 204 -0.86 -3.21 -20.73
CA ASP D 204 0.35 -3.04 -21.52
C ASP D 204 1.57 -2.90 -20.63
N ARG D 205 1.57 -3.69 -19.55
CA ARG D 205 2.76 -3.88 -18.71
C ARG D 205 3.14 -5.35 -18.75
N ARG D 206 3.30 -5.91 -19.94
CA ARG D 206 3.70 -7.30 -20.15
C ARG D 206 2.79 -8.25 -19.38
N ASN D 207 1.49 -8.15 -19.67
CA ASN D 207 0.51 -9.15 -19.23
C ASN D 207 0.44 -9.20 -17.71
N HIS D 208 0.22 -8.04 -17.12
CA HIS D 208 0.21 -7.92 -15.66
C HIS D 208 -0.95 -8.74 -15.08
N CYS D 209 -0.63 -9.52 -14.05
CA CYS D 209 -1.57 -10.42 -13.39
C CYS D 209 -2.12 -11.50 -14.32
N GLY D 210 -1.52 -11.72 -15.48
CA GLY D 210 -1.91 -12.80 -16.35
C GLY D 210 -3.19 -12.60 -17.14
N ILE D 211 -3.64 -11.36 -17.30
CA ILE D 211 -4.98 -11.11 -17.85
C ILE D 211 -5.09 -11.59 -19.29
N ALA D 212 -3.99 -11.68 -20.05
CA ALA D 212 -4.08 -12.21 -21.40
C ALA D 212 -3.68 -13.67 -21.51
N SER D 213 -3.45 -14.35 -20.38
CA SER D 213 -2.89 -15.70 -20.42
C SER D 213 -3.93 -16.78 -20.69
N ALA D 214 -5.19 -16.53 -20.37
CA ALA D 214 -6.25 -17.53 -20.52
C ALA D 214 -7.55 -16.83 -20.86
N ALA D 215 -7.56 -16.11 -21.96
CA ALA D 215 -8.71 -15.32 -22.38
C ALA D 215 -9.47 -16.07 -23.48
N SER D 216 -10.79 -16.01 -23.43
CA SER D 216 -11.58 -16.69 -24.43
C SER D 216 -12.98 -16.11 -24.49
N TYR D 217 -13.74 -16.53 -25.49
CA TYR D 217 -15.13 -16.12 -25.61
C TYR D 217 -15.88 -17.20 -26.35
N PRO D 218 -17.19 -17.30 -26.14
CA PRO D 218 -17.97 -18.34 -26.83
C PRO D 218 -18.37 -17.91 -28.23
N THR D 219 -18.46 -18.89 -29.12
N THR D 219 -18.46 -18.90 -29.11
CA THR D 219 -18.93 -18.66 -30.48
CA THR D 219 -18.94 -18.68 -30.47
C THR D 219 -20.42 -18.93 -30.51
C THR D 219 -20.44 -18.94 -30.51
N VAL D 220 -21.22 -17.93 -30.87
CA VAL D 220 -22.66 -18.10 -30.94
C VAL D 220 -23.17 -17.97 -32.37
C1 E64 E . -8.90 26.82 2.61
O1 E64 E . -9.63 27.09 3.59
O2 E64 E . -9.09 25.83 1.86
C2 E64 E . -7.71 27.73 2.32
C3 E64 E . -8.04 29.22 2.39
O3 E64 E . -8.94 29.58 1.36
C4 E64 E . -6.76 30.04 2.30
O4 E64 E . -6.26 30.54 3.31
N1 E64 E . -6.21 30.17 1.09
C6 E64 E . -5.00 30.95 0.89
C7 E64 E . -3.97 30.16 0.08
C8 E64 E . -2.92 29.45 0.91
C9 E64 E . -3.53 28.74 2.09
C10 E64 E . -2.18 28.46 0.04
C11 E64 E . -5.32 32.27 0.20
O5 E64 E . -5.76 32.29 -0.93
N2 E64 E . -5.06 33.41 0.95
C12 E64 E . -3.69 33.99 1.02
C13 E64 E . -3.72 35.49 1.15
C14 E64 E . -2.33 36.06 1.35
C15 E64 E . -2.01 37.25 0.47
N3 E64 E . -0.60 37.30 0.10
C16 E64 E . -0.03 36.49 -0.78
N4 E64 E . -0.75 35.58 -1.42
N5 E64 E . 1.27 36.59 -1.01
HO2 E64 E . -8.40 25.76 1.14
H21 E64 E . -7.31 27.49 1.34
H3 E64 E . -8.63 29.46 3.28
HO3 E64 E . -8.73 29.03 0.56
HN1 E64 E . -6.62 29.75 0.26
H6 E64 E . -4.58 31.18 1.87
H71 E64 E . -3.48 30.84 -0.62
H72 E64 E . -4.49 29.45 -0.56
H8 E64 E . -2.21 30.17 1.30
H91 E64 E . -2.87 27.97 2.47
H92 E64 E . -3.74 29.43 2.90
H93 E64 E . -4.47 28.27 1.81
H101 E64 E . -2.67 27.49 -0.01
H102 E64 E . -2.09 28.79 -1.00
H103 E64 E . -1.16 28.27 0.39
HN2 E64 E . -5.81 33.88 1.45
H121 E64 E . -3.16 33.54 1.86
H122 E64 E . -3.13 33.68 0.13
H131 E64 E . -4.18 35.94 0.27
H132 E64 E . -4.36 35.78 1.98
H141 E64 E . -2.21 36.32 2.39
H142 E64 E . -1.60 35.26 1.18
H151 E64 E . -2.64 37.21 -0.42
H152 E64 E . -2.29 38.16 1.00
HN3 E64 E . -0.05 38.01 0.57
HN41 E64 E . -1.74 35.44 -1.29
HN42 E64 E . -0.38 34.93 -2.11
HN51 E64 E . 1.77 36.01 -1.67
HN52 E64 E . 1.86 37.27 -0.54
C1 PEG F . -15.03 20.73 0.83
O1 PEG F . -15.63 21.52 -0.20
C2 PEG F . -14.69 21.53 2.04
O2 PEG F . -14.53 22.91 1.71
C3 PEG F . -14.10 23.68 2.84
C4 PEG F . -14.44 25.14 2.67
O4 PEG F . -13.65 25.76 1.68
H11 PEG F . -15.70 19.92 1.11
H12 PEG F . -14.12 20.27 0.44
HO1 PEG F . -16.40 21.98 0.21
H21 PEG F . -13.78 21.14 2.49
H22 PEG F . -15.48 21.41 2.79
H31 PEG F . -14.56 23.29 3.75
H32 PEG F . -13.03 23.56 2.97
H41 PEG F . -15.47 25.31 2.37
H42 PEG F . -14.28 25.73 3.58
HO4 PEG F . -13.60 26.72 1.91
C1 PEG G . -8.16 30.35 26.38
O1 PEG G . -8.99 30.06 27.50
C2 PEG G . -8.99 30.74 25.20
O2 PEG G . -10.31 31.01 25.61
C3 PEG G . -11.20 31.18 24.52
C4 PEG G . -11.95 29.91 24.22
O4 PEG G . -13.27 29.95 24.72
H11 PEG G . -7.46 31.15 26.64
H12 PEG G . -7.56 29.48 26.14
HO1 PEG G . -8.52 30.38 28.32
H21 PEG G . -8.97 29.94 24.45
H22 PEG G . -8.55 31.61 24.72
H31 PEG G . -11.90 32.00 24.74
H32 PEG G . -10.63 31.50 23.64
H41 PEG G . -11.51 29.02 24.67
H42 PEG G . -12.06 29.70 23.16
HO4 PEG G . -13.73 30.70 24.27
C1 E64 H . 28.49 4.31 -7.66
O1 E64 H . 29.01 4.58 -8.78
O2 E64 H . 29.05 3.64 -6.77
C2 E64 H . 27.07 4.82 -7.39
C3 E64 H . 26.86 6.24 -7.93
O3 E64 H . 27.56 7.19 -7.13
C4 E64 H . 25.37 6.56 -8.01
O4 E64 H . 24.79 6.48 -9.08
N1 E64 H . 24.76 6.94 -6.88
C6 E64 H . 23.31 7.08 -6.82
C7 E64 H . 22.71 6.25 -5.68
C8 E64 H . 22.82 4.75 -5.85
C9 E64 H . 22.15 4.07 -4.69
C10 E64 H . 22.20 4.28 -7.13
C11 E64 H . 22.87 8.53 -6.66
O5 E64 H . 23.59 9.35 -6.10
N2 E64 H . 21.63 8.82 -7.14
C12 E64 H . 21.21 10.21 -7.49
C13 E64 H . 19.98 10.17 -8.38
C14 E64 H . 18.99 11.28 -8.05
C15 E64 H . 17.62 11.00 -8.61
N3 E64 H . 16.54 11.28 -7.67
C16 E64 H . 16.35 10.67 -6.50
N4 E64 H . 17.18 9.71 -6.11
N5 E64 H . 15.31 11.01 -5.76
HO2 E64 H . 28.49 3.52 -5.96
H21 E64 H . 26.86 4.77 -6.33
H3 E64 H . 27.37 6.39 -8.88
HO3 E64 H . 27.45 6.94 -6.17
HN1 E64 H . 25.27 7.14 -6.02
H6 E64 H . 22.93 6.72 -7.78
H71 E64 H . 21.66 6.52 -5.56
H72 E64 H . 23.17 6.54 -4.74
H8 E64 H . 23.87 4.47 -5.87
H91 E64 H . 22.72 3.22 -4.34
H92 E64 H . 22.03 4.75 -3.85
H93 E64 H . 21.16 3.71 -4.95
H101 E64 H . 21.93 3.23 -7.11
H102 E64 H . 21.28 4.83 -7.38
H103 E64 H . 22.86 4.40 -7.99
HN2 E64 H . 20.95 8.08 -7.27
H121 E64 H . 21.03 10.77 -6.58
H122 E64 H . 22.03 10.71 -7.99
H131 E64 H . 20.26 10.24 -9.43
H132 E64 H . 19.48 9.20 -8.28
H141 E64 H . 18.94 11.41 -6.96
H142 E64 H . 19.38 12.23 -8.42
H151 E64 H . 17.48 11.59 -9.51
H152 E64 H . 17.57 9.96 -8.92
HN3 E64 H . 15.91 12.03 -7.95
HN41 E64 H . 17.99 9.40 -6.64
HN42 E64 H . 17.09 9.19 -5.24
HN51 E64 H . 15.11 10.57 -4.86
HN52 E64 H . 14.65 11.73 -6.03
C1 PEG I . 33.67 4.83 -7.97
O1 PEG I . 33.99 6.22 -8.15
C2 PEG I . 34.87 4.03 -7.63
O2 PEG I . 34.49 3.05 -6.67
C3 PEG I . 35.58 2.20 -6.27
C4 PEG I . 35.93 2.51 -4.83
O4 PEG I . 35.55 3.80 -4.46
H11 PEG I . 32.93 4.73 -7.19
H12 PEG I . 33.22 4.45 -8.89
HO1 PEG I . 33.22 6.74 -7.81
H21 PEG I . 35.65 4.67 -7.24
H22 PEG I . 35.28 3.56 -8.53
H31 PEG I . 35.30 1.16 -6.39
H32 PEG I . 36.43 2.37 -6.91
H41 PEG I . 35.44 1.84 -4.12
H42 PEG I . 37.00 2.45 -4.63
HO4 PEG I . 35.98 4.00 -3.59
S DMS J . 22.20 10.95 -30.46
O DMS J . 23.33 11.86 -29.99
C1 DMS J . 20.97 10.71 -29.15
C2 DMS J . 21.10 11.83 -31.61
H11 DMS J . 21.37 10.08 -28.41
H12 DMS J . 20.11 10.26 -29.57
H13 DMS J . 20.72 11.65 -28.73
H21 DMS J . 21.68 12.30 -32.36
H22 DMS J . 20.53 12.55 -31.08
H23 DMS J . 20.44 11.13 -32.08
S DMS K . 5.97 -12.74 -10.32
O DMS K . 6.45 -12.49 -11.71
C1 DMS K . 7.15 -13.83 -9.49
C2 DMS K . 6.21 -11.24 -9.31
H11 DMS K . 6.87 -14.84 -9.67
H12 DMS K . 7.13 -13.64 -8.45
H13 DMS K . 8.11 -13.66 -9.87
H21 DMS K . 5.82 -10.41 -9.83
H22 DMS K . 7.25 -11.10 -9.13
H23 DMS K . 5.70 -11.36 -8.39
C1 E64 L . -6.01 -13.05 12.84
O1 E64 L . -4.78 -13.12 12.57
O2 E64 L . -6.87 -12.54 12.08
C2 E64 L . -6.47 -13.61 14.18
C3 E64 L . -5.84 -14.97 14.48
O3 E64 L . -6.32 -15.95 13.57
C4 E64 L . -6.12 -15.40 15.92
O4 E64 L . -5.23 -15.38 16.76
N1 E64 L . -7.37 -15.78 16.20
C6 E64 L . -7.71 -16.23 17.54
C7 E64 L . -9.03 -15.62 18.02
C8 E64 L . -9.12 -14.12 17.88
C9 E64 L . -10.37 -13.62 18.52
C10 E64 L . -7.92 -13.44 18.50
C11 E64 L . -7.79 -17.75 17.58
O5 E64 L . -8.38 -18.37 16.68
N2 E64 L . -7.21 -18.37 18.66
C12 E64 L . -7.82 -19.62 19.18
C13 E64 L . -7.59 -19.77 20.67
C14 E64 L . -6.17 -20.18 20.99
C15 E64 L . -6.08 -21.21 22.10
N3 E64 L . -6.83 -20.81 23.28
C16 E64 L . -8.04 -21.26 23.60
N4 E64 L . -8.66 -22.12 22.83
N5 E64 L . -8.61 -20.81 24.71
HO2 E64 L . -7.78 -12.56 12.46
H21 E64 L . -7.55 -13.67 14.20
H3 E64 L . -4.77 -14.95 14.25
HO3 E64 L . -7.29 -15.81 13.42
HN1 E64 L . -8.12 -15.77 15.52
H6 E64 L . -6.92 -15.92 18.23
H71 E64 L . -9.20 -15.91 19.06
H72 E64 L . -9.86 -16.08 17.48
H8 E64 L . -9.13 -13.86 16.83
H91 E64 L . -10.82 -12.82 17.94
H92 E64 L . -11.12 -14.41 18.61
H93 E64 L . -10.19 -13.23 19.52
H101 E64 L . -8.12 -12.41 18.78
H102 E64 L . -7.59 -13.93 19.42
H103 E64 L . -7.06 -13.42 17.84
HN2 E64 L . -6.38 -17.99 19.09
H121 E64 L . -8.89 -19.62 18.96
H122 E64 L . -7.41 -20.48 18.65
H131 E64 L . -7.83 -18.83 21.18
H132 E64 L . -8.29 -20.48 21.09
H141 E64 L . -5.70 -20.55 20.09
H142 E64 L . -5.59 -19.29 21.26
H151 E64 L . -6.45 -22.16 21.73
H152 E64 L . -5.03 -21.36 22.35
HN3 E64 L . -6.35 -20.14 23.89
HN41 E64 L . -8.27 -22.50 21.96
HN42 E64 L . -9.58 -22.49 23.01
HN51 E64 L . -9.53 -21.10 25.02
HN52 E64 L . -8.16 -20.15 25.33
C1 PGE M . -7.94 -11.28 4.36
O1 PGE M . -8.03 -12.58 3.78
C2 PGE M . -6.50 -10.80 4.35
O2 PGE M . -6.15 -10.31 5.63
C3 PGE M . -5.98 -11.34 6.58
C4 PGE M . -4.53 -11.51 6.96
O4 PGE M . -5.74 -15.41 9.41
C6 PGE M . -4.66 -14.78 8.71
C5 PGE M . -5.08 -13.36 8.35
O3 PGE M . -4.26 -12.86 7.32
H1 PGE M . -8.54 -10.54 3.80
H12 PGE M . -8.29 -11.26 5.40
HO1 PGE M . -7.48 -12.60 2.99
H2 PGE M . -5.85 -11.64 4.05
H22 PGE M . -6.39 -10.01 3.58
H3 PGE M . -6.56 -11.12 7.50
H32 PGE M . -6.35 -12.31 6.19
H4 PGE M . -3.89 -11.21 6.10
H42 PGE M . -4.29 -10.83 7.80
HO4 PGE M . -5.47 -16.31 9.61
H6 PGE M . -4.41 -15.32 7.78
H62 PGE M . -3.75 -14.74 9.33
H5 PGE M . -5.01 -12.74 9.25
H52 PGE M . -6.14 -13.38 8.04
C1 PEG N . -0.66 10.75 31.44
O1 PEG N . -1.01 10.39 30.09
C2 PEG N . 0.81 10.72 31.63
O2 PEG N . 1.10 10.71 33.03
C3 PEG N . 2.48 10.55 33.31
C4 PEG N . 3.18 11.89 33.28
O4 PEG N . 3.04 12.54 32.04
H11 PEG N . -1.05 11.73 31.67
H12 PEG N . -1.14 10.05 32.13
HO1 PEG N . -1.60 11.11 29.74
H21 PEG N . 1.26 11.60 31.16
H22 PEG N . 1.25 9.86 31.14
H31 PEG N . 2.62 10.08 34.28
H32 PEG N . 2.94 9.88 32.58
H41 PEG N . 2.80 12.59 34.02
H42 PEG N . 4.26 11.82 33.45
HO4 PEG N . 2.30 13.20 32.13
C1 E64 O . -13.06 -18.20 -7.76
O1 E64 O . -14.14 -18.75 -7.45
O2 E64 O . -12.63 -17.13 -7.25
C2 E64 O . -12.24 -18.90 -8.83
C3 E64 O . -12.25 -20.41 -8.65
O3 E64 O . -11.52 -20.77 -7.48
C4 E64 O . -11.75 -21.11 -9.91
O4 E64 O . -12.55 -21.68 -10.65
N1 E64 O . -10.44 -21.04 -10.17
C6 E64 O . -9.92 -21.60 -11.41
C7 E64 O . -8.96 -20.64 -12.12
C8 E64 O . -9.58 -19.32 -12.54
C9 E64 O . -8.60 -18.55 -13.38
C10 E64 O . -10.87 -19.53 -13.31
C11 E64 O . -9.21 -22.94 -11.21
O5 E64 O . -8.45 -23.09 -10.27
N2 E64 O . -9.47 -23.91 -12.17
C12 E64 O . -9.60 -25.35 -11.81
C13 E64 O . -8.49 -26.17 -12.43
C14 E64 O . -9.00 -27.48 -12.98
C15 E64 O . -9.60 -27.32 -14.36
N3 E64 O . -8.66 -27.67 -15.41
C16 E64 O . -8.50 -28.89 -15.89
N4 E64 O . -9.19 -29.89 -15.40
N5 E64 O . -7.64 -29.09 -16.88
HO2 E64 O . -11.74 -16.86 -7.64
H21 E64 O . -11.22 -18.51 -8.83
H3 E64 O . -13.23 -20.79 -8.36
HO3 E64 O . -10.61 -20.37 -7.54
HN1 E64 O . -9.76 -20.63 -9.55
H6 E64 O . -10.78 -21.78 -12.06
H71 E64 O . -8.53 -21.13 -13.00
H72 E64 O . -8.10 -20.44 -11.47
H8 E64 O . -9.82 -18.74 -11.66
H91 E64 O . -8.60 -17.50 -13.13
H92 E64 O . -7.59 -18.93 -13.25
H93 E64 O . -8.84 -18.64 -14.44
H101 E64 O . -11.16 -18.65 -13.88
H102 E64 O . -10.80 -20.35 -14.01
H103 E64 O . -11.71 -19.76 -12.65
HN2 E64 O . -9.58 -23.65 -13.15
H121 E64 O . -9.59 -25.45 -10.73
H122 E64 O . -10.56 -25.72 -12.14
H131 E64 O . -7.99 -25.60 -13.22
H132 E64 O . -7.71 -26.36 -11.69
H141 E64 O . -8.18 -28.21 -13.00
H142 E64 O . -9.72 -27.91 -12.29
H151 E64 O . -10.49 -27.93 -14.43
H152 E64 O . -9.93 -26.28 -14.48
HN3 E64 O . -8.12 -26.89 -15.79
HN41 E64 O . -9.87 -29.81 -14.64
HN42 E64 O . -9.12 -30.85 -15.70
HN51 E64 O . -7.47 -30.00 -17.29
HN52 E64 O . -7.10 -28.34 -17.30
C1 PEG P . -13.57 -12.87 -1.34
O1 PEG P . -12.56 -13.56 -0.59
C2 PEG P . -14.63 -13.79 -1.84
O2 PEG P . -14.05 -14.96 -2.40
C3 PEG P . -15.00 -15.98 -2.69
C4 PEG P . -14.47 -17.33 -2.27
O4 PEG P . -13.74 -17.97 -3.29
H11 PEG P . -14.02 -12.10 -0.71
H12 PEG P . -13.11 -12.35 -2.19
HO1 PEG P . -11.69 -13.33 -0.99
H21 PEG P . -15.24 -13.28 -2.58
H22 PEG P . -15.31 -14.04 -1.03
H31 PEG P . -15.94 -15.77 -2.17
H32 PEG P . -15.24 -15.99 -3.75
H41 PEG P . -15.25 -18.03 -1.99
H42 PEG P . -13.78 -17.27 -1.42
HO4 PEG P . -13.17 -18.65 -2.87
S DMS Q . -29.49 -35.18 -15.04
O DMS Q . -28.78 -34.02 -15.69
C1 DMS Q . -29.63 -34.86 -13.26
C2 DMS Q . -31.24 -35.16 -15.54
H11 DMS Q . -28.84 -34.22 -12.95
H12 DMS Q . -29.58 -35.77 -12.73
H13 DMS Q . -30.57 -34.39 -13.06
H21 DMS Q . -31.32 -35.45 -16.55
H22 DMS Q . -31.62 -34.18 -15.41
H23 DMS Q . -31.78 -35.84 -14.93
#